data_8XFX
#
_entry.id   8XFX
#
_cell.length_a   164.587
_cell.length_b   164.587
_cell.length_c   164.587
_cell.angle_alpha   90.00
_cell.angle_beta   90.00
_cell.angle_gamma   90.00
#
_symmetry.space_group_name_H-M   'P 21 3'
#
loop_
_entity.id
_entity.type
_entity.pdbx_description
1 polymer 'Exosome complex component Rrp41,Exosome complex component Rrp42'
2 non-polymer 'PHOSPHATE ION'
3 water water
#
_entity_poly.entity_id   1
_entity_poly.type   'polypeptide(L)'
_entity_poly.pdbx_seq_one_letter_code
;MKRMEANKIKLINEDNLRLDGRSFNELRPIKIQAGVLNRADGSAYIEWGGNKIMVGVYGPKEAYPKHSQDIDHAIVKARY
NMAAFSVDERKRPGPDRRTMEISKVISEALSSSIMIEQFPRAEIDVYIEVLQADAGTRIAGLTAATVALADAGVPMRDMV
VGCTAGKVDGHMVLDLSKEEDNYGEADIPIAIMPKTGDIVLMQMDGDVTEDELYQAMDMIFEATKRISQIQREALLNKYK
IQDIGEGEMVKESAEILSEIRKNYILSTMKGGKRIDGRLPDEFRELTIIENYIPRANGSAYVALGNTRVVAGVKIEAGEP
FPDTPDQGVLTTNVELLPIAFPSFEAGPPNDLAIEVSRVVDRGIRESKMISPEKLVIEQGKKVWIVFLDINVLDYDGNLI
DASTIAAVAALRNAVVPASKEGGEDFKLPVSSTPISVTMVKIGDTLVCDPSLEEDQICGGRITVTTTEDGHIRAMQKGEI
GAFTVEDVKKAVKMSLEVGKKLREKYFR
;
_entity_poly.pdbx_strand_id   A,B
#
loop_
_chem_comp.id
_chem_comp.type
_chem_comp.name
_chem_comp.formula
PO4 non-polymer 'PHOSPHATE ION' 'O4 P -3'
#
# COMPACT_ATOMS: atom_id res chain seq x y z
N LYS A 10 -30.67 -39.66 -16.44
CA LYS A 10 -29.58 -40.61 -16.61
C LYS A 10 -28.24 -39.88 -16.75
N LEU A 11 -28.08 -39.13 -17.84
CA LEU A 11 -26.89 -38.32 -18.07
C LEU A 11 -27.26 -36.85 -17.99
N ILE A 12 -26.24 -36.00 -17.86
CA ILE A 12 -26.54 -34.58 -17.76
C ILE A 12 -26.73 -33.93 -19.13
N ASN A 13 -26.02 -34.40 -20.16
CA ASN A 13 -26.29 -34.01 -21.55
C ASN A 13 -26.86 -35.21 -22.29
N GLU A 14 -27.92 -34.99 -23.10
CA GLU A 14 -28.46 -36.09 -23.90
C GLU A 14 -28.30 -35.92 -25.40
N ASP A 15 -28.75 -34.81 -25.98
CA ASP A 15 -28.61 -34.54 -27.40
C ASP A 15 -27.54 -33.50 -27.68
N ASN A 16 -26.52 -33.45 -26.82
CA ASN A 16 -25.68 -32.27 -26.67
C ASN A 16 -26.50 -31.12 -26.09
N LEU A 17 -27.54 -31.48 -25.34
CA LEU A 17 -28.51 -30.55 -24.77
C LEU A 17 -28.57 -30.80 -23.27
N ARG A 18 -28.56 -29.72 -22.50
CA ARG A 18 -28.49 -29.78 -21.05
C ARG A 18 -29.86 -29.95 -20.42
N LEU A 19 -29.86 -30.39 -19.16
CA LEU A 19 -31.09 -30.75 -18.45
C LEU A 19 -32.11 -29.63 -18.38
N ASP A 20 -31.69 -28.38 -18.60
CA ASP A 20 -32.62 -27.27 -18.69
C ASP A 20 -32.82 -26.79 -20.12
N GLY A 21 -32.12 -27.40 -21.08
CA GLY A 21 -32.32 -27.08 -22.48
C GLY A 21 -31.32 -26.16 -23.14
N ARG A 22 -30.22 -25.84 -22.48
CA ARG A 22 -29.27 -24.89 -23.06
C ARG A 22 -28.20 -25.62 -23.88
N SER A 23 -27.61 -24.87 -24.81
CA SER A 23 -26.40 -25.29 -25.51
C SER A 23 -25.20 -25.21 -24.56
N PHE A 24 -24.02 -25.54 -25.08
CA PHE A 24 -22.87 -25.68 -24.20
C PHE A 24 -22.41 -24.34 -23.63
N ASN A 25 -22.11 -23.36 -24.49
CA ASN A 25 -21.87 -21.99 -23.99
C ASN A 25 -23.12 -21.12 -24.06
N GLU A 26 -24.14 -21.49 -23.29
CA GLU A 26 -25.32 -20.65 -23.19
C GLU A 26 -25.50 -20.21 -21.75
N LEU A 27 -25.74 -18.92 -21.56
CA LEU A 27 -25.98 -18.38 -20.24
C LEU A 27 -27.38 -18.75 -19.75
N ARG A 28 -27.53 -18.88 -18.45
CA ARG A 28 -28.84 -18.86 -17.83
C ARG A 28 -29.41 -17.45 -17.94
N PRO A 29 -30.72 -17.29 -17.77
CA PRO A 29 -31.28 -15.93 -17.75
C PRO A 29 -30.63 -15.12 -16.63
N ILE A 30 -30.27 -13.88 -16.95
CA ILE A 30 -29.68 -12.95 -16.00
C ILE A 30 -30.46 -11.65 -16.06
N LYS A 31 -30.95 -11.19 -14.93
CA LYS A 31 -31.53 -9.87 -14.81
C LYS A 31 -30.83 -9.11 -13.69
N ILE A 32 -30.74 -7.80 -13.83
CA ILE A 32 -30.12 -6.96 -12.82
C ILE A 32 -30.91 -5.66 -12.74
N GLN A 33 -31.00 -5.11 -11.53
CA GLN A 33 -31.98 -4.09 -11.19
C GLN A 33 -31.37 -3.22 -10.10
N ALA A 34 -30.96 -2.01 -10.47
CA ALA A 34 -30.27 -1.15 -9.52
C ALA A 34 -31.25 -0.24 -8.80
N GLY A 35 -30.80 0.33 -7.68
CA GLY A 35 -31.57 1.30 -6.94
C GLY A 35 -32.73 0.77 -6.13
N VAL A 36 -32.93 -0.56 -6.09
CA VAL A 36 -34.16 -1.13 -5.54
C VAL A 36 -34.32 -0.87 -4.04
N LEU A 37 -33.23 -0.65 -3.32
CA LEU A 37 -33.27 -0.47 -1.88
C LEU A 37 -33.29 1.01 -1.53
N ASN A 38 -33.93 1.33 -0.40
CA ASN A 38 -34.13 2.69 0.06
C ASN A 38 -32.97 3.14 0.94
N ARG A 39 -32.54 2.30 1.90
CA ARG A 39 -31.51 2.66 2.86
C ARG A 39 -30.12 2.66 2.23
N ALA A 40 -29.83 1.67 1.40
CA ALA A 40 -28.44 1.48 1.00
C ALA A 40 -28.01 2.63 0.12
N ASP A 41 -26.80 3.14 0.38
CA ASP A 41 -26.23 4.17 -0.50
C ASP A 41 -26.33 3.71 -1.95
N GLY A 42 -26.20 2.40 -2.17
CA GLY A 42 -26.39 1.81 -3.49
C GLY A 42 -26.82 0.38 -3.31
N SER A 43 -27.47 -0.17 -4.34
CA SER A 43 -27.99 -1.52 -4.22
C SER A 43 -28.25 -2.08 -5.60
N ALA A 44 -28.42 -3.39 -5.64
CA ALA A 44 -28.64 -4.12 -6.88
C ALA A 44 -29.29 -5.44 -6.55
N TYR A 45 -30.34 -5.79 -7.28
CA TYR A 45 -30.97 -7.09 -7.19
C TYR A 45 -30.65 -7.85 -8.46
N ILE A 46 -30.31 -9.13 -8.32
CA ILE A 46 -29.87 -9.93 -9.45
C ILE A 46 -30.57 -11.27 -9.42
N GLU A 47 -30.96 -11.73 -10.61
CA GLU A 47 -31.56 -13.03 -10.81
C GLU A 47 -30.75 -13.72 -11.90
N TRP A 48 -30.16 -14.85 -11.56
CA TRP A 48 -29.21 -15.53 -12.44
C TRP A 48 -29.53 -17.02 -12.33
N GLY A 49 -30.28 -17.53 -13.30
CA GLY A 49 -30.88 -18.84 -13.12
C GLY A 49 -31.74 -18.82 -11.88
N GLY A 50 -31.58 -19.84 -11.04
CA GLY A 50 -32.29 -19.92 -9.78
C GLY A 50 -31.75 -19.03 -8.68
N ASN A 51 -30.72 -18.25 -8.95
CA ASN A 51 -30.12 -17.40 -7.93
C ASN A 51 -30.91 -16.11 -7.80
N LYS A 52 -31.27 -15.77 -6.56
CA LYS A 52 -31.86 -14.48 -6.23
C LYS A 52 -31.01 -13.87 -5.12
N ILE A 53 -30.38 -12.74 -5.41
CA ILE A 53 -29.42 -12.11 -4.51
C ILE A 53 -29.71 -10.63 -4.43
N MET A 54 -29.87 -10.12 -3.21
CA MET A 54 -29.94 -8.69 -2.95
C MET A 54 -28.57 -8.22 -2.47
N VAL A 55 -28.09 -7.11 -3.04
CA VAL A 55 -26.83 -6.53 -2.63
C VAL A 55 -27.08 -5.09 -2.19
N GLY A 56 -26.53 -4.73 -1.04
CA GLY A 56 -26.61 -3.37 -0.54
C GLY A 56 -25.19 -2.86 -0.30
N VAL A 57 -24.98 -1.58 -0.57
CA VAL A 57 -23.67 -0.97 -0.40
C VAL A 57 -23.81 0.23 0.52
N TYR A 58 -22.98 0.28 1.55
CA TYR A 58 -22.89 1.41 2.46
C TYR A 58 -21.47 1.95 2.44
N GLY A 59 -21.35 3.28 2.40
CA GLY A 59 -20.07 3.93 2.52
C GLY A 59 -19.70 4.72 1.28
N PRO A 60 -18.47 5.27 1.26
CA PRO A 60 -17.45 5.10 2.29
C PRO A 60 -17.70 5.92 3.56
N LYS A 61 -17.38 5.33 4.71
CA LYS A 61 -17.54 5.96 6.01
C LYS A 61 -16.37 5.56 6.89
N GLU A 62 -16.24 6.22 8.04
CA GLU A 62 -15.12 5.92 8.92
C GLU A 62 -15.18 4.45 9.34
N ALA A 63 -14.01 3.85 9.50
CA ALA A 63 -13.93 2.41 9.72
C ALA A 63 -14.23 2.08 11.17
N TYR A 64 -15.12 1.10 11.37
CA TYR A 64 -15.43 0.59 12.69
C TYR A 64 -15.08 -0.89 12.77
N PRO A 65 -14.50 -1.36 13.88
CA PRO A 65 -13.95 -0.51 14.95
C PRO A 65 -12.68 0.21 14.49
N LYS A 66 -12.22 1.20 15.24
CA LYS A 66 -11.01 1.91 14.87
C LYS A 66 -9.77 1.04 14.96
N HIS A 67 -9.91 -0.15 15.55
CA HIS A 67 -8.87 -1.18 15.50
C HIS A 67 -8.48 -1.50 14.06
N SER A 68 -9.44 -1.93 13.25
CA SER A 68 -9.20 -2.35 11.87
C SER A 68 -8.68 -1.25 10.94
N GLN A 69 -8.61 0.01 11.40
CA GLN A 69 -8.43 1.13 10.49
C GLN A 69 -7.09 1.08 9.76
N ASP A 70 -7.07 1.64 8.54
CA ASP A 70 -5.86 1.71 7.72
C ASP A 70 -5.69 3.13 7.21
N ILE A 71 -4.46 3.65 7.29
CA ILE A 71 -4.23 5.04 6.90
C ILE A 71 -3.98 5.25 5.41
N ASP A 72 -3.59 4.20 4.68
CA ASP A 72 -3.33 4.38 3.25
C ASP A 72 -4.61 4.47 2.44
N HIS A 73 -5.50 3.51 2.64
CA HIS A 73 -6.60 3.27 1.72
C HIS A 73 -7.82 2.82 2.50
N ALA A 74 -8.94 2.72 1.80
CA ALA A 74 -10.16 2.19 2.40
C ALA A 74 -10.10 0.67 2.47
N ILE A 75 -10.91 0.11 3.36
CA ILE A 75 -11.03 -1.33 3.54
C ILE A 75 -12.37 -1.77 2.96
N VAL A 76 -12.35 -2.80 2.15
CA VAL A 76 -13.55 -3.30 1.48
C VAL A 76 -14.06 -4.49 2.29
N LYS A 77 -15.14 -4.28 3.01
CA LYS A 77 -15.76 -5.33 3.83
C LYS A 77 -16.98 -5.85 3.10
N ALA A 78 -16.78 -6.88 2.27
CA ALA A 78 -17.88 -7.59 1.63
C ALA A 78 -18.32 -8.72 2.56
N ARG A 79 -19.62 -8.81 2.83
CA ARG A 79 -20.17 -9.86 3.67
C ARG A 79 -21.17 -10.66 2.85
N TYR A 80 -20.88 -11.95 2.68
CA TYR A 80 -21.74 -12.88 1.98
C TYR A 80 -22.55 -13.66 2.99
N ASN A 81 -23.88 -13.54 2.93
CA ASN A 81 -24.76 -14.21 3.86
C ASN A 81 -25.87 -14.93 3.10
N MET A 82 -26.25 -16.11 3.58
CA MET A 82 -27.30 -16.92 2.96
C MET A 82 -28.52 -16.95 3.88
N ALA A 83 -29.68 -16.57 3.36
CA ALA A 83 -30.92 -16.72 4.09
C ALA A 83 -31.13 -18.18 4.49
N ALA A 84 -31.82 -18.39 5.61
CA ALA A 84 -32.09 -19.75 6.07
C ALA A 84 -32.92 -20.54 5.06
N PHE A 85 -33.70 -19.86 4.22
CA PHE A 85 -34.59 -20.51 3.27
C PHE A 85 -34.04 -20.53 1.85
N SER A 86 -32.73 -20.40 1.68
CA SER A 86 -32.14 -20.17 0.37
C SER A 86 -31.59 -21.43 -0.28
N VAL A 87 -31.41 -22.50 0.50
CA VAL A 87 -30.81 -23.75 0.05
C VAL A 87 -31.80 -24.88 0.27
N ASP A 88 -31.41 -26.10 -0.10
CA ASP A 88 -32.37 -27.20 -0.15
C ASP A 88 -33.01 -27.48 1.21
N GLU A 89 -32.19 -27.65 2.25
CA GLU A 89 -32.69 -27.86 3.60
C GLU A 89 -32.45 -26.60 4.42
N ARG A 90 -33.37 -26.31 5.33
CA ARG A 90 -33.24 -25.17 6.23
C ARG A 90 -31.84 -25.16 6.86
N LYS A 91 -31.19 -24.00 6.77
CA LYS A 91 -29.85 -23.81 7.31
C LYS A 91 -29.89 -22.76 8.41
N ARG A 92 -29.06 -22.95 9.42
CA ARG A 92 -29.08 -22.03 10.55
C ARG A 92 -28.54 -20.67 10.11
N PRO A 93 -29.24 -19.59 10.43
CA PRO A 93 -28.76 -18.25 10.07
C PRO A 93 -27.35 -18.00 10.62
N GLY A 94 -26.65 -17.09 9.95
CA GLY A 94 -25.32 -16.72 10.36
C GLY A 94 -24.21 -17.39 9.59
N PRO A 95 -23.04 -16.75 9.60
CA PRO A 95 -21.91 -17.21 8.78
C PRO A 95 -21.45 -18.61 9.15
N ASP A 96 -20.83 -19.26 8.18
CA ASP A 96 -20.08 -20.49 8.42
C ASP A 96 -18.76 -20.38 7.70
N ARG A 97 -17.97 -21.46 7.67
CA ARG A 97 -16.66 -21.39 7.02
C ARG A 97 -16.79 -21.00 5.56
N ARG A 98 -17.79 -21.56 4.87
CA ARG A 98 -17.95 -21.31 3.44
C ARG A 98 -18.27 -19.84 3.14
N THR A 99 -19.15 -19.23 3.92
CA THR A 99 -19.52 -17.83 3.63
C THR A 99 -18.42 -16.86 4.03
N MET A 100 -17.55 -17.24 4.96
CA MET A 100 -16.43 -16.36 5.29
C MET A 100 -15.37 -16.38 4.20
N GLU A 101 -15.07 -17.57 3.65
CA GLU A 101 -14.14 -17.64 2.53
C GLU A 101 -14.69 -16.89 1.32
N ILE A 102 -16.00 -17.03 1.05
CA ILE A 102 -16.60 -16.28 -0.05
C ILE A 102 -16.51 -14.78 0.21
N SER A 103 -16.79 -14.36 1.45
CA SER A 103 -16.69 -12.95 1.80
C SER A 103 -15.26 -12.44 1.64
N LYS A 104 -14.28 -13.29 1.93
CA LYS A 104 -12.88 -12.90 1.78
C LYS A 104 -12.50 -12.76 0.32
N VAL A 105 -12.85 -13.76 -0.49
CA VAL A 105 -12.42 -13.79 -1.88
C VAL A 105 -13.16 -12.71 -2.69
N ILE A 106 -14.38 -12.38 -2.31
CA ILE A 106 -15.08 -11.30 -3.00
C ILE A 106 -14.56 -9.94 -2.54
N SER A 107 -14.31 -9.77 -1.24
CA SER A 107 -13.66 -8.56 -0.74
C SER A 107 -12.37 -8.25 -1.49
N GLU A 108 -11.50 -9.26 -1.64
CA GLU A 108 -10.21 -9.06 -2.29
C GLU A 108 -10.38 -8.62 -3.73
N ALA A 109 -11.24 -9.32 -4.48
CA ALA A 109 -11.55 -8.93 -5.85
C ALA A 109 -11.95 -7.47 -5.95
N LEU A 110 -12.97 -7.07 -5.19
CA LEU A 110 -13.46 -5.69 -5.24
C LEU A 110 -12.38 -4.69 -4.83
N SER A 111 -11.45 -5.08 -3.96
CA SER A 111 -10.36 -4.19 -3.59
C SER A 111 -9.46 -3.83 -4.77
N SER A 112 -9.53 -4.59 -5.87
CA SER A 112 -8.75 -4.28 -7.06
C SER A 112 -9.43 -3.26 -7.97
N SER A 113 -10.75 -3.16 -7.91
CA SER A 113 -11.53 -2.29 -8.78
C SER A 113 -11.95 -1.00 -8.08
N ILE A 114 -12.38 -1.08 -6.83
CA ILE A 114 -12.67 0.14 -6.09
C ILE A 114 -11.38 0.94 -5.94
N MET A 115 -11.51 2.27 -5.99
CA MET A 115 -10.36 3.15 -5.82
C MET A 115 -10.16 3.41 -4.32
N ILE A 116 -9.67 2.37 -3.65
CA ILE A 116 -9.56 2.38 -2.19
C ILE A 116 -8.62 3.48 -1.73
N GLU A 117 -7.61 3.80 -2.52
CA GLU A 117 -6.65 4.83 -2.14
C GLU A 117 -7.29 6.19 -1.93
N GLN A 118 -8.45 6.44 -2.53
CA GLN A 118 -9.11 7.74 -2.41
C GLN A 118 -9.77 7.96 -1.06
N PHE A 119 -9.87 6.94 -0.21
CA PHE A 119 -10.61 7.02 1.05
C PHE A 119 -9.79 6.46 2.21
N PRO A 120 -8.67 7.09 2.56
CA PRO A 120 -7.90 6.64 3.73
C PRO A 120 -8.77 6.55 4.97
N ARG A 121 -8.50 5.54 5.79
CA ARG A 121 -9.17 5.27 7.07
C ARG A 121 -10.66 4.99 6.90
N ALA A 122 -11.14 4.84 5.67
CA ALA A 122 -12.55 4.62 5.41
C ALA A 122 -12.87 3.12 5.34
N GLU A 123 -14.16 2.83 5.42
CA GLU A 123 -14.70 1.49 5.23
C GLU A 123 -15.77 1.53 4.15
N ILE A 124 -15.85 0.47 3.35
CA ILE A 124 -16.89 0.32 2.34
C ILE A 124 -17.55 -1.04 2.55
N ASP A 125 -18.79 -1.01 3.03
CA ASP A 125 -19.53 -2.24 3.33
C ASP A 125 -20.33 -2.69 2.12
N VAL A 126 -20.18 -3.98 1.77
CA VAL A 126 -20.89 -4.59 0.66
C VAL A 126 -21.61 -5.81 1.21
N TYR A 127 -22.92 -5.73 1.32
CA TYR A 127 -23.72 -6.80 1.91
C TYR A 127 -24.39 -7.59 0.80
N ILE A 128 -24.07 -8.89 0.73
CA ILE A 128 -24.58 -9.77 -0.31
C ILE A 128 -25.50 -10.78 0.37
N GLU A 129 -26.81 -10.60 0.19
CA GLU A 129 -27.83 -11.46 0.79
C GLU A 129 -28.43 -12.35 -0.31
N VAL A 130 -27.97 -13.60 -0.39
CA VAL A 130 -28.59 -14.55 -1.31
C VAL A 130 -29.88 -15.06 -0.67
N LEU A 131 -31.01 -14.84 -1.35
CA LEU A 131 -32.33 -15.27 -0.88
C LEU A 131 -32.69 -16.66 -1.34
N GLN A 132 -32.16 -17.09 -2.49
CA GLN A 132 -32.38 -18.42 -3.05
C GLN A 132 -31.16 -18.73 -3.90
N ALA A 133 -30.54 -19.89 -3.68
CA ALA A 133 -29.27 -20.19 -4.33
C ALA A 133 -29.44 -21.32 -5.34
N ASP A 134 -29.06 -21.02 -6.57
CA ASP A 134 -28.55 -21.96 -7.56
C ASP A 134 -27.04 -22.03 -7.38
N ALA A 135 -26.35 -22.67 -8.31
CA ALA A 135 -24.90 -22.66 -8.23
C ALA A 135 -24.33 -21.42 -8.90
N GLY A 136 -23.09 -21.10 -8.56
CA GLY A 136 -22.47 -19.86 -9.00
C GLY A 136 -22.97 -18.62 -8.28
N THR A 137 -23.26 -18.74 -6.98
CA THR A 137 -23.76 -17.60 -6.21
C THR A 137 -22.69 -16.53 -5.98
N ARG A 138 -21.44 -16.94 -5.79
CA ARG A 138 -20.38 -15.97 -5.50
C ARG A 138 -20.15 -15.04 -6.68
N ILE A 139 -20.25 -15.56 -7.91
CA ILE A 139 -20.02 -14.72 -9.07
C ILE A 139 -21.22 -13.83 -9.35
N ALA A 140 -22.43 -14.33 -9.14
CA ALA A 140 -23.62 -13.49 -9.26
C ALA A 140 -23.60 -12.37 -8.25
N GLY A 141 -23.25 -12.69 -7.00
CA GLY A 141 -23.12 -11.66 -5.98
C GLY A 141 -22.10 -10.60 -6.35
N LEU A 142 -20.92 -11.04 -6.82
CA LEU A 142 -19.85 -10.11 -7.20
C LEU A 142 -20.28 -9.25 -8.38
N THR A 143 -20.93 -9.88 -9.38
CA THR A 143 -21.39 -9.14 -10.54
C THR A 143 -22.43 -8.09 -10.16
N ALA A 144 -23.28 -8.40 -9.19
CA ALA A 144 -24.26 -7.43 -8.72
C ALA A 144 -23.65 -6.40 -7.78
N ALA A 145 -22.58 -6.76 -7.08
CA ALA A 145 -21.88 -5.81 -6.21
C ALA A 145 -21.32 -4.65 -7.01
N THR A 146 -20.75 -4.93 -8.18
CA THR A 146 -20.24 -3.88 -9.06
C THR A 146 -21.32 -2.86 -9.39
N VAL A 147 -22.53 -3.35 -9.69
CA VAL A 147 -23.63 -2.45 -10.01
C VAL A 147 -24.05 -1.67 -8.76
N ALA A 148 -24.08 -2.33 -7.61
CA ALA A 148 -24.43 -1.65 -6.36
C ALA A 148 -23.42 -0.56 -6.03
N LEU A 149 -22.14 -0.84 -6.24
CA LEU A 149 -21.10 0.15 -5.96
C LEU A 149 -21.21 1.35 -6.90
N ALA A 150 -21.53 1.10 -8.16
CA ALA A 150 -21.78 2.21 -9.08
C ALA A 150 -23.05 2.97 -8.71
N ASP A 151 -24.11 2.24 -8.36
CA ASP A 151 -25.35 2.87 -7.90
C ASP A 151 -25.12 3.78 -6.70
N ALA A 152 -24.09 3.50 -5.91
CA ALA A 152 -23.75 4.29 -4.74
C ALA A 152 -22.75 5.39 -5.04
N GLY A 153 -22.22 5.46 -6.26
CA GLY A 153 -21.24 6.46 -6.60
C GLY A 153 -19.84 6.16 -6.09
N VAL A 154 -19.57 4.93 -5.68
CA VAL A 154 -18.22 4.58 -5.27
C VAL A 154 -17.31 4.55 -6.50
N PRO A 155 -16.21 5.28 -6.52
CA PRO A 155 -15.41 5.37 -7.74
C PRO A 155 -14.61 4.09 -7.95
N MET A 156 -14.56 3.66 -9.20
CA MET A 156 -13.93 2.42 -9.59
C MET A 156 -13.14 2.64 -10.87
N ARG A 157 -12.14 1.81 -11.09
CA ARG A 157 -11.27 1.92 -12.24
C ARG A 157 -11.61 0.89 -13.30
N ASP A 158 -12.46 -0.07 -12.96
CA ASP A 158 -13.02 -1.04 -13.88
C ASP A 158 -14.23 -1.66 -13.20
N MET A 159 -15.04 -2.38 -13.97
CA MET A 159 -16.26 -2.96 -13.46
C MET A 159 -16.07 -4.47 -13.46
N VAL A 160 -15.85 -5.02 -12.26
CA VAL A 160 -15.58 -6.45 -12.12
C VAL A 160 -16.78 -7.25 -12.58
N VAL A 161 -16.51 -8.31 -13.33
CA VAL A 161 -17.56 -9.18 -13.86
C VAL A 161 -16.97 -10.57 -14.00
N GLY A 162 -17.83 -11.58 -13.92
CA GLY A 162 -17.32 -12.93 -14.07
C GLY A 162 -18.38 -13.90 -14.50
N CYS A 163 -17.97 -15.17 -14.55
CA CYS A 163 -18.83 -16.25 -15.00
C CYS A 163 -18.18 -17.57 -14.59
N THR A 164 -18.98 -18.63 -14.56
CA THR A 164 -18.46 -19.96 -14.32
C THR A 164 -18.38 -20.76 -15.63
N ALA A 165 -17.53 -21.78 -15.60
CA ALA A 165 -17.51 -22.82 -16.62
C ALA A 165 -17.06 -24.11 -15.96
N GLY A 166 -17.01 -25.19 -16.73
CA GLY A 166 -16.70 -26.47 -16.13
C GLY A 166 -16.81 -27.58 -17.15
N LYS A 167 -16.53 -28.80 -16.70
CA LYS A 167 -16.58 -29.98 -17.54
C LYS A 167 -17.74 -30.86 -17.08
N VAL A 168 -18.65 -31.18 -18.01
CA VAL A 168 -19.76 -32.08 -17.75
C VAL A 168 -19.81 -33.13 -18.86
N ASP A 169 -19.62 -34.39 -18.48
CA ASP A 169 -19.56 -35.52 -19.41
C ASP A 169 -18.65 -35.20 -20.60
N GLY A 170 -17.39 -34.92 -20.28
CA GLY A 170 -16.39 -34.69 -21.29
C GLY A 170 -16.49 -33.36 -22.02
N HIS A 171 -17.62 -32.66 -21.90
CA HIS A 171 -17.82 -31.37 -22.56
C HIS A 171 -17.53 -30.22 -21.61
N MET A 172 -16.86 -29.20 -22.13
CA MET A 172 -16.71 -27.93 -21.41
C MET A 172 -17.95 -27.07 -21.62
N VAL A 173 -18.64 -26.73 -20.53
CA VAL A 173 -19.86 -25.94 -20.63
C VAL A 173 -19.71 -24.64 -19.82
N LEU A 174 -20.67 -23.75 -20.05
CA LEU A 174 -20.71 -22.39 -19.50
C LEU A 174 -21.80 -22.26 -18.44
N ASP A 175 -21.50 -21.54 -17.35
CA ASP A 175 -22.53 -21.10 -16.40
C ASP A 175 -23.31 -22.28 -15.83
N LEU A 176 -22.59 -23.15 -15.14
CA LEU A 176 -23.11 -24.43 -14.71
C LEU A 176 -24.29 -24.26 -13.74
N SER A 177 -25.22 -25.21 -13.84
CA SER A 177 -26.34 -25.35 -12.90
C SER A 177 -25.87 -26.08 -11.64
N LYS A 178 -26.73 -26.08 -10.62
CA LYS A 178 -26.39 -26.79 -9.38
C LYS A 178 -26.12 -28.26 -9.65
N GLU A 179 -26.92 -28.89 -10.52
CA GLU A 179 -26.74 -30.31 -10.81
C GLU A 179 -25.42 -30.55 -11.55
N GLU A 180 -25.10 -29.67 -12.51
CA GLU A 180 -23.82 -29.77 -13.21
C GLU A 180 -22.66 -29.53 -12.25
N ASP A 181 -22.85 -28.68 -11.25
CA ASP A 181 -21.83 -28.46 -10.23
C ASP A 181 -21.65 -29.70 -9.36
N ASN A 182 -22.76 -30.31 -8.94
CA ASN A 182 -22.69 -31.42 -7.99
C ASN A 182 -22.19 -32.69 -8.66
N TYR A 183 -22.59 -32.94 -9.90
CA TYR A 183 -22.32 -34.20 -10.58
C TYR A 183 -21.35 -34.08 -11.74
N GLY A 184 -20.98 -32.87 -12.16
CA GLY A 184 -20.04 -32.70 -13.24
C GLY A 184 -18.62 -32.95 -12.80
N GLU A 185 -17.70 -32.78 -13.75
CA GLU A 185 -16.30 -33.13 -13.53
C GLU A 185 -15.46 -31.95 -13.03
N ALA A 186 -15.91 -30.72 -13.25
CA ALA A 186 -15.10 -29.58 -12.84
C ALA A 186 -15.98 -28.33 -12.80
N ASP A 187 -15.58 -27.38 -11.95
CA ASP A 187 -16.25 -26.09 -11.81
C ASP A 187 -15.17 -25.02 -11.68
N ILE A 188 -15.34 -23.91 -12.39
CA ILE A 188 -14.29 -22.91 -12.51
C ILE A 188 -14.88 -21.51 -12.46
N PRO A 189 -15.01 -20.93 -11.26
CA PRO A 189 -15.45 -19.52 -11.16
C PRO A 189 -14.29 -18.56 -11.44
N ILE A 190 -14.55 -17.58 -12.32
CA ILE A 190 -13.57 -16.55 -12.66
C ILE A 190 -14.27 -15.21 -12.75
N ALA A 191 -13.68 -14.18 -12.13
CA ALA A 191 -14.06 -12.79 -12.33
C ALA A 191 -12.85 -12.01 -12.83
N ILE A 192 -13.12 -11.00 -13.68
CA ILE A 192 -12.06 -10.26 -14.37
C ILE A 192 -12.31 -8.77 -14.31
N MET A 193 -11.25 -7.99 -14.55
CA MET A 193 -11.36 -6.58 -14.88
C MET A 193 -11.41 -6.47 -16.40
N PRO A 194 -12.55 -6.13 -17.00
CA PRO A 194 -12.69 -6.28 -18.46
C PRO A 194 -11.71 -5.46 -19.28
N LYS A 195 -11.47 -4.20 -18.91
CA LYS A 195 -10.60 -3.33 -19.71
C LYS A 195 -9.25 -3.98 -20.02
N THR A 196 -8.68 -4.67 -19.04
CA THR A 196 -7.41 -5.37 -19.21
C THR A 196 -7.57 -6.87 -19.37
N GLY A 197 -8.62 -7.44 -18.78
CA GLY A 197 -8.78 -8.88 -18.71
C GLY A 197 -8.02 -9.53 -17.59
N ASP A 198 -7.50 -8.75 -16.65
CA ASP A 198 -6.80 -9.32 -15.51
C ASP A 198 -7.78 -10.05 -14.60
N ILE A 199 -7.33 -11.17 -14.04
CA ILE A 199 -8.17 -12.03 -13.22
C ILE A 199 -8.05 -11.59 -11.76
N VAL A 200 -9.18 -11.21 -11.16
CA VAL A 200 -9.20 -10.80 -9.76
C VAL A 200 -9.86 -11.85 -8.87
N LEU A 201 -10.64 -12.77 -9.41
CA LEU A 201 -11.14 -13.93 -8.69
C LEU A 201 -10.96 -15.13 -9.60
N MET A 202 -10.38 -16.21 -9.07
CA MET A 202 -10.40 -17.47 -9.79
C MET A 202 -10.25 -18.62 -8.81
N GLN A 203 -11.13 -19.61 -8.93
CA GLN A 203 -11.04 -20.88 -8.22
C GLN A 203 -11.32 -22.00 -9.21
N MET A 204 -11.01 -23.24 -8.81
CA MET A 204 -11.26 -24.38 -9.67
C MET A 204 -11.37 -25.64 -8.81
N ASP A 205 -12.43 -26.41 -9.00
CA ASP A 205 -12.62 -27.69 -8.34
C ASP A 205 -12.77 -28.78 -9.38
N GLY A 206 -12.18 -29.95 -9.10
CA GLY A 206 -12.47 -31.14 -9.88
C GLY A 206 -11.32 -31.82 -10.59
N ASP A 207 -11.42 -31.90 -11.93
CA ASP A 207 -10.50 -32.70 -12.72
C ASP A 207 -10.54 -32.18 -14.15
N VAL A 208 -9.37 -31.79 -14.68
CA VAL A 208 -9.33 -31.06 -15.94
C VAL A 208 -7.91 -31.14 -16.48
N THR A 209 -7.80 -31.12 -17.81
CA THR A 209 -6.50 -31.02 -18.46
C THR A 209 -6.16 -29.55 -18.71
N GLU A 210 -4.86 -29.28 -18.85
CA GLU A 210 -4.40 -27.95 -19.23
C GLU A 210 -5.21 -27.38 -20.40
N ASP A 211 -5.46 -28.19 -21.42
CA ASP A 211 -6.21 -27.73 -22.58
C ASP A 211 -7.64 -27.37 -22.22
N GLU A 212 -8.31 -28.24 -21.45
CA GLU A 212 -9.69 -27.97 -21.04
C GLU A 212 -9.80 -26.72 -20.19
N LEU A 213 -8.86 -26.53 -19.27
CA LEU A 213 -8.87 -25.34 -18.42
C LEU A 213 -8.76 -24.06 -19.26
N TYR A 214 -7.89 -24.08 -20.26
CA TYR A 214 -7.72 -22.91 -21.12
C TYR A 214 -8.96 -22.64 -21.95
N GLN A 215 -9.67 -23.69 -22.34
CA GLN A 215 -10.90 -23.52 -23.11
C GLN A 215 -12.00 -22.93 -22.25
N ALA A 216 -12.21 -23.48 -21.04
CA ALA A 216 -13.19 -22.93 -20.12
C ALA A 216 -12.91 -21.45 -19.84
N MET A 217 -11.63 -21.08 -19.72
CA MET A 217 -11.29 -19.67 -19.51
C MET A 217 -11.77 -18.81 -20.66
N ASP A 218 -11.46 -19.22 -21.91
CA ASP A 218 -11.88 -18.46 -23.07
C ASP A 218 -13.40 -18.31 -23.13
N MET A 219 -14.13 -19.39 -22.81
CA MET A 219 -15.59 -19.30 -22.77
C MET A 219 -16.05 -18.27 -21.75
N ILE A 220 -15.41 -18.24 -20.58
CA ILE A 220 -15.77 -17.26 -19.55
C ILE A 220 -15.48 -15.85 -20.04
N PHE A 221 -14.27 -15.61 -20.55
CA PHE A 221 -13.90 -14.28 -21.05
C PHE A 221 -14.89 -13.79 -22.10
N GLU A 222 -15.28 -14.68 -23.02
CA GLU A 222 -16.29 -14.32 -24.00
C GLU A 222 -17.63 -14.01 -23.33
N ALA A 223 -18.01 -14.82 -22.35
CA ALA A 223 -19.30 -14.66 -21.68
C ALA A 223 -19.43 -13.31 -20.99
N THR A 224 -18.33 -12.77 -20.46
CA THR A 224 -18.41 -11.52 -19.70
C THR A 224 -18.79 -10.33 -20.56
N LYS A 225 -18.66 -10.44 -21.88
CA LYS A 225 -19.03 -9.32 -22.75
C LYS A 225 -20.53 -9.06 -22.68
N ARG A 226 -21.34 -10.11 -22.77
CA ARG A 226 -22.79 -9.97 -22.61
C ARG A 226 -23.14 -9.58 -21.17
N ILE A 227 -22.39 -10.11 -20.20
CA ILE A 227 -22.73 -9.88 -18.79
C ILE A 227 -22.38 -8.46 -18.38
N SER A 228 -21.19 -8.00 -18.77
CA SER A 228 -20.83 -6.60 -18.58
C SER A 228 -21.86 -5.67 -19.19
N GLN A 229 -22.55 -6.13 -20.25
CA GLN A 229 -23.53 -5.25 -20.85
C GLN A 229 -24.80 -5.19 -20.01
N ILE A 230 -25.20 -6.32 -19.41
CA ILE A 230 -26.35 -6.30 -18.51
C ILE A 230 -26.10 -5.35 -17.34
N GLN A 231 -24.87 -5.34 -16.83
CA GLN A 231 -24.51 -4.43 -15.75
C GLN A 231 -24.73 -2.98 -16.17
N ARG A 232 -24.15 -2.58 -17.30
CA ARG A 232 -24.23 -1.19 -17.75
C ARG A 232 -25.66 -0.75 -18.00
N GLU A 233 -26.46 -1.56 -18.69
CA GLU A 233 -27.85 -1.18 -18.96
C GLU A 233 -28.68 -1.13 -17.69
N ALA A 234 -28.34 -1.97 -16.70
CA ALA A 234 -29.00 -1.86 -15.40
C ALA A 234 -28.75 -0.50 -14.77
N LEU A 235 -27.56 0.07 -14.98
CA LEU A 235 -27.26 1.40 -14.47
C LEU A 235 -27.84 2.49 -15.37
N LEU A 236 -27.92 2.25 -16.68
CA LEU A 236 -28.45 3.24 -17.60
C LEU A 236 -29.94 3.46 -17.42
N ASN A 237 -30.63 2.57 -16.72
CA ASN A 237 -32.07 2.72 -16.49
C ASN A 237 -32.35 3.64 -15.31
N GLY A 272 19.18 -13.67 -12.21
CA GLY A 272 18.10 -14.62 -12.41
C GLY A 272 17.88 -15.51 -11.20
N LYS A 273 18.39 -15.07 -10.05
CA LYS A 273 18.26 -15.79 -8.79
C LYS A 273 17.50 -14.93 -7.78
N ARG A 274 16.91 -15.60 -6.80
CA ARG A 274 16.08 -14.97 -5.79
C ARG A 274 16.97 -14.39 -4.69
N ILE A 275 16.37 -13.95 -3.59
CA ILE A 275 17.14 -13.34 -2.52
C ILE A 275 17.93 -14.40 -1.77
N ASP A 276 17.43 -15.63 -1.76
CA ASP A 276 18.25 -16.79 -1.45
C ASP A 276 18.73 -17.37 -2.78
N GLY A 277 19.38 -18.53 -2.75
CA GLY A 277 19.93 -19.09 -3.99
C GLY A 277 18.86 -19.58 -4.95
N ARG A 278 17.69 -19.93 -4.43
CA ARG A 278 16.59 -20.53 -5.17
C ARG A 278 16.34 -19.87 -6.53
N LEU A 279 16.13 -20.73 -7.52
CA LEU A 279 15.67 -20.32 -8.84
C LEU A 279 14.15 -20.20 -8.84
N PRO A 280 13.56 -19.54 -9.84
CA PRO A 280 12.10 -19.31 -9.80
C PRO A 280 11.24 -20.55 -9.71
N ASP A 281 11.75 -21.72 -10.10
CA ASP A 281 10.99 -22.96 -10.06
C ASP A 281 11.37 -23.85 -8.88
N GLU A 282 12.19 -23.35 -7.97
CA GLU A 282 12.82 -24.14 -6.94
C GLU A 282 12.08 -24.02 -5.61
N PHE A 283 11.87 -25.14 -4.96
CA PHE A 283 11.29 -25.21 -3.63
C PHE A 283 12.39 -25.15 -2.59
N ARG A 284 12.01 -24.93 -1.35
CA ARG A 284 13.01 -24.96 -0.30
C ARG A 284 13.24 -26.39 0.16
N GLU A 285 14.23 -26.57 1.01
CA GLU A 285 14.51 -27.90 1.52
C GLU A 285 13.31 -28.42 2.28
N LEU A 286 13.00 -29.71 2.09
CA LEU A 286 11.88 -30.33 2.78
C LEU A 286 12.37 -31.48 3.63
N THR A 287 11.69 -31.71 4.74
CA THR A 287 11.93 -32.87 5.59
C THR A 287 10.59 -33.40 6.04
N ILE A 288 10.28 -34.64 5.68
CA ILE A 288 9.02 -35.29 6.00
C ILE A 288 9.30 -36.42 6.97
N ILE A 289 8.52 -36.51 8.04
CA ILE A 289 8.69 -37.55 9.06
C ILE A 289 7.31 -38.15 9.29
N GLU A 290 7.03 -39.27 8.61
CA GLU A 290 5.78 -39.99 8.77
C GLU A 290 5.76 -40.76 10.08
N ASN A 291 4.56 -40.93 10.64
CA ASN A 291 4.35 -41.51 11.97
C ASN A 291 4.96 -40.65 13.07
N TYR A 292 4.90 -39.33 12.89
CA TYR A 292 5.38 -38.41 13.92
C TYR A 292 4.51 -38.47 15.16
N ILE A 293 3.21 -38.69 15.00
CA ILE A 293 2.31 -38.92 16.12
C ILE A 293 1.83 -40.37 16.00
N PRO A 294 2.60 -41.34 16.51
CA PRO A 294 2.24 -42.76 16.35
C PRO A 294 0.87 -43.12 16.90
N ARG A 295 0.34 -42.36 17.85
CA ARG A 295 -0.93 -42.71 18.48
C ARG A 295 -2.13 -42.27 17.66
N ALA A 296 -1.91 -41.58 16.55
CA ALA A 296 -2.95 -41.38 15.57
C ALA A 296 -2.85 -42.44 14.49
N ASN A 297 -3.88 -42.51 13.64
CA ASN A 297 -3.90 -43.51 12.60
C ASN A 297 -2.88 -43.21 11.51
N GLY A 298 -2.59 -41.93 11.29
CA GLY A 298 -1.61 -41.51 10.32
C GLY A 298 -1.18 -40.10 10.61
N SER A 299 0.07 -39.78 10.29
CA SER A 299 0.58 -38.45 10.61
C SER A 299 1.88 -38.21 9.86
N ALA A 300 2.33 -36.95 9.91
CA ALA A 300 3.55 -36.49 9.26
C ALA A 300 3.97 -35.14 9.80
N TYR A 301 5.23 -35.00 10.17
CA TYR A 301 5.82 -33.69 10.45
C TYR A 301 6.50 -33.22 9.17
N VAL A 302 6.23 -31.98 8.76
CA VAL A 302 6.86 -31.41 7.58
C VAL A 302 7.53 -30.11 7.96
N ALA A 303 8.76 -29.93 7.49
CA ALA A 303 9.43 -28.63 7.48
C ALA A 303 9.67 -28.23 6.03
N LEU A 304 9.26 -27.02 5.68
CA LEU A 304 9.48 -26.45 4.35
C LEU A 304 10.24 -25.15 4.55
N GLY A 305 11.56 -25.20 4.36
CA GLY A 305 12.38 -24.12 4.87
C GLY A 305 12.17 -24.03 6.38
N ASN A 306 11.71 -22.87 6.84
CA ASN A 306 11.44 -22.65 8.26
C ASN A 306 9.95 -22.68 8.56
N THR A 307 9.15 -23.20 7.64
CA THR A 307 7.73 -23.41 7.88
C THR A 307 7.55 -24.85 8.33
N ARG A 308 6.92 -25.03 9.49
CA ARG A 308 6.83 -26.34 10.12
C ARG A 308 5.39 -26.59 10.50
N VAL A 309 4.85 -27.71 10.02
CA VAL A 309 3.51 -28.16 10.36
C VAL A 309 3.60 -29.64 10.66
N VAL A 310 2.67 -30.13 11.47
CA VAL A 310 2.48 -31.57 11.64
C VAL A 310 1.02 -31.88 11.37
N ALA A 311 0.77 -32.79 10.44
CA ALA A 311 -0.56 -33.27 10.15
C ALA A 311 -0.84 -34.54 10.93
N GLY A 312 -2.10 -34.73 11.32
CA GLY A 312 -2.51 -35.92 12.01
C GLY A 312 -3.83 -36.43 11.48
N VAL A 313 -3.96 -37.75 11.33
CA VAL A 313 -5.17 -38.34 10.78
C VAL A 313 -5.79 -39.24 11.84
N LYS A 314 -7.03 -38.93 12.23
CA LYS A 314 -7.83 -39.72 13.15
C LYS A 314 -9.02 -40.29 12.37
N ILE A 315 -9.07 -41.60 12.21
CA ILE A 315 -10.13 -42.26 11.45
C ILE A 315 -11.05 -42.96 12.43
N GLU A 316 -12.35 -42.64 12.36
CA GLU A 316 -13.34 -43.18 13.28
C GLU A 316 -14.61 -43.52 12.51
N ALA A 317 -15.36 -44.49 13.05
CA ALA A 317 -16.65 -44.86 12.49
C ALA A 317 -17.69 -43.79 12.79
N GLY A 318 -18.46 -43.40 11.78
CA GLY A 318 -19.56 -42.48 11.98
C GLY A 318 -20.68 -42.74 11.00
N GLU A 319 -21.75 -41.96 11.13
CA GLU A 319 -22.89 -42.05 10.22
C GLU A 319 -22.61 -41.25 8.95
N PRO A 320 -22.85 -41.80 7.78
CA PRO A 320 -22.56 -41.08 6.53
C PRO A 320 -23.58 -39.98 6.29
N PHE A 321 -23.38 -39.27 5.19
CA PHE A 321 -24.34 -38.26 4.77
C PHE A 321 -25.64 -38.93 4.32
N PRO A 322 -26.79 -38.36 4.67
CA PRO A 322 -28.05 -38.85 4.09
C PRO A 322 -28.11 -38.67 2.58
N ASP A 323 -27.22 -37.86 2.02
CA ASP A 323 -27.10 -37.71 0.57
C ASP A 323 -26.23 -38.81 -0.01
N THR A 324 -24.99 -38.93 0.47
CA THR A 324 -24.05 -39.94 0.02
C THR A 324 -23.96 -41.07 1.06
N PRO A 325 -24.72 -42.16 0.89
CA PRO A 325 -24.72 -43.22 1.90
C PRO A 325 -23.62 -44.24 1.71
N ASP A 326 -23.02 -44.28 0.52
CA ASP A 326 -21.99 -45.27 0.17
C ASP A 326 -20.65 -44.58 -0.07
N GLN A 327 -20.39 -43.52 0.68
CA GLN A 327 -19.11 -42.83 0.69
C GLN A 327 -18.75 -42.47 2.12
N GLY A 328 -17.47 -42.60 2.46
CA GLY A 328 -17.00 -42.12 3.74
C GLY A 328 -16.86 -40.60 3.70
N VAL A 329 -16.34 -40.04 4.80
CA VAL A 329 -16.26 -38.60 4.94
C VAL A 329 -14.81 -38.20 5.14
N LEU A 330 -14.44 -37.04 4.60
CA LEU A 330 -13.16 -36.39 4.86
C LEU A 330 -13.43 -34.96 5.30
N THR A 331 -13.03 -34.63 6.52
CA THR A 331 -13.13 -33.27 7.04
C THR A 331 -11.75 -32.75 7.39
N THR A 332 -11.41 -31.56 6.88
CA THR A 332 -10.09 -30.98 7.00
C THR A 332 -10.12 -29.72 7.88
N ASN A 333 -9.08 -29.53 8.68
CA ASN A 333 -8.95 -28.32 9.49
C ASN A 333 -7.48 -27.99 9.70
N VAL A 334 -7.13 -26.73 9.50
CA VAL A 334 -5.76 -26.24 9.63
C VAL A 334 -5.72 -25.14 10.68
N GLU A 335 -4.98 -25.38 11.77
CA GLU A 335 -4.90 -24.42 12.88
C GLU A 335 -3.64 -23.58 12.73
N LEU A 336 -3.84 -22.26 12.56
CA LEU A 336 -2.75 -21.29 12.60
C LEU A 336 -2.48 -20.94 14.06
N LEU A 337 -1.67 -21.76 14.71
CA LEU A 337 -1.46 -21.62 16.14
C LEU A 337 -0.72 -20.32 16.46
N PRO A 338 -1.15 -19.59 17.50
CA PRO A 338 -0.42 -18.38 17.95
C PRO A 338 1.07 -18.59 18.14
N ILE A 339 1.49 -19.85 18.33
CA ILE A 339 2.90 -20.18 18.49
C ILE A 339 3.68 -19.96 17.20
N ALA A 340 3.00 -19.98 16.05
CA ALA A 340 3.68 -20.00 14.76
C ALA A 340 4.21 -18.63 14.34
N PHE A 341 3.59 -17.55 14.79
CA PHE A 341 3.96 -16.22 14.29
C PHE A 341 3.76 -15.19 15.39
N PRO A 342 4.64 -14.18 15.50
CA PRO A 342 4.41 -13.12 16.49
C PRO A 342 3.06 -12.44 16.37
N SER A 343 2.66 -12.10 15.14
CA SER A 343 1.39 -11.41 14.93
C SER A 343 0.21 -12.31 15.25
N PHE A 344 0.38 -13.62 15.13
CA PHE A 344 -0.70 -14.56 15.40
C PHE A 344 -1.27 -14.35 16.81
N GLU A 345 -2.60 -14.44 16.90
CA GLU A 345 -3.51 -13.99 17.96
C GLU A 345 -3.76 -12.48 17.89
N ALA A 346 -3.14 -11.76 16.96
CA ALA A 346 -3.67 -10.53 16.40
C ALA A 346 -4.44 -10.88 15.13
N GLY A 347 -5.76 -10.70 15.15
CA GLY A 347 -6.62 -11.08 14.06
C GLY A 347 -7.22 -12.47 14.16
N PRO A 348 -6.41 -13.56 14.15
CA PRO A 348 -5.07 -14.14 13.98
C PRO A 348 -4.98 -14.69 12.57
N PRO A 349 -5.41 -13.93 11.59
CA PRO A 349 -6.75 -14.12 11.01
C PRO A 349 -7.21 -15.55 10.78
N ASN A 350 -8.48 -15.71 11.16
CA ASN A 350 -9.24 -16.93 10.90
C ASN A 350 -9.55 -17.04 9.41
N ASP A 351 -9.87 -15.91 8.77
CA ASP A 351 -10.01 -15.84 7.31
C ASP A 351 -8.90 -16.64 6.64
N LEU A 352 -7.65 -16.37 7.00
CA LEU A 352 -6.53 -17.08 6.40
C LEU A 352 -6.54 -18.56 6.76
N ALA A 353 -6.78 -18.88 8.03
CA ALA A 353 -6.76 -20.27 8.45
C ALA A 353 -7.90 -21.05 7.79
N ILE A 354 -9.07 -20.42 7.66
CA ILE A 354 -10.16 -21.07 6.94
C ILE A 354 -9.81 -21.25 5.48
N GLU A 355 -9.24 -20.22 4.84
CA GLU A 355 -8.88 -20.32 3.43
C GLU A 355 -7.92 -21.47 3.20
N VAL A 356 -6.86 -21.55 4.01
CA VAL A 356 -5.90 -22.64 3.90
C VAL A 356 -6.60 -23.98 4.02
N SER A 357 -7.44 -24.14 5.05
CA SER A 357 -8.13 -25.40 5.26
C SER A 357 -8.97 -25.82 4.05
N ARG A 358 -9.66 -24.86 3.41
CA ARG A 358 -10.50 -25.21 2.27
C ARG A 358 -9.65 -25.55 1.05
N VAL A 359 -8.61 -24.77 0.78
CA VAL A 359 -7.76 -25.01 -0.38
C VAL A 359 -7.05 -26.34 -0.24
N VAL A 360 -6.59 -26.67 0.97
CA VAL A 360 -5.95 -27.95 1.21
C VAL A 360 -6.96 -29.09 1.04
N ASP A 361 -8.12 -28.95 1.68
CA ASP A 361 -9.18 -29.95 1.55
C ASP A 361 -9.56 -30.16 0.10
N ARG A 362 -9.83 -29.06 -0.61
CA ARG A 362 -10.20 -29.11 -2.02
C ARG A 362 -9.22 -29.95 -2.84
N GLY A 363 -7.92 -29.75 -2.62
CA GLY A 363 -6.93 -30.51 -3.37
C GLY A 363 -6.99 -31.99 -3.09
N ILE A 364 -7.09 -32.35 -1.81
CA ILE A 364 -7.20 -33.77 -1.44
C ILE A 364 -8.48 -34.36 -1.98
N ARG A 365 -9.61 -33.67 -1.75
CA ARG A 365 -10.91 -34.18 -2.18
C ARG A 365 -10.96 -34.35 -3.70
N GLU A 366 -10.66 -33.29 -4.45
CA GLU A 366 -10.84 -33.32 -5.89
C GLU A 366 -9.82 -34.19 -6.60
N SER A 367 -8.67 -34.45 -5.98
CA SER A 367 -7.73 -35.41 -6.54
C SER A 367 -8.22 -36.86 -6.41
N LYS A 368 -9.30 -37.08 -5.65
CA LYS A 368 -9.85 -38.41 -5.38
C LYS A 368 -8.82 -39.34 -4.74
N MET A 369 -7.82 -38.76 -4.07
CA MET A 369 -6.81 -39.52 -3.35
C MET A 369 -7.42 -40.61 -2.47
N ILE A 370 -8.50 -40.30 -1.76
CA ILE A 370 -8.93 -41.13 -0.64
C ILE A 370 -9.71 -42.35 -1.12
N SER A 371 -10.41 -42.25 -2.25
CA SER A 371 -11.30 -43.32 -2.71
C SER A 371 -12.35 -43.61 -1.64
N PRO A 372 -13.26 -42.67 -1.39
CA PRO A 372 -14.16 -42.77 -0.22
C PRO A 372 -15.24 -43.83 -0.36
N GLU A 373 -15.24 -44.60 -1.45
CA GLU A 373 -16.23 -45.67 -1.61
C GLU A 373 -15.81 -46.93 -0.86
N LYS A 374 -14.49 -47.18 -0.79
CA LYS A 374 -13.95 -48.31 -0.04
C LYS A 374 -14.03 -48.12 1.47
N LEU A 375 -14.55 -46.99 1.96
CA LEU A 375 -14.62 -46.70 3.39
C LEU A 375 -16.03 -46.86 3.94
N VAL A 376 -16.81 -47.78 3.37
CA VAL A 376 -18.17 -48.07 3.81
C VAL A 376 -18.13 -49.29 4.73
N ILE A 377 -18.75 -49.17 5.91
CA ILE A 377 -18.78 -50.26 6.88
C ILE A 377 -20.12 -50.97 6.75
N GLU A 378 -21.21 -50.23 6.96
CA GLU A 378 -22.56 -50.73 6.82
C GLU A 378 -23.30 -49.75 5.93
N GLN A 379 -23.53 -50.15 4.67
CA GLN A 379 -23.98 -49.21 3.65
C GLN A 379 -25.16 -48.37 4.14
N GLY A 380 -24.93 -47.06 4.19
CA GLY A 380 -25.91 -46.08 4.60
C GLY A 380 -26.11 -45.96 6.10
N LYS A 381 -25.39 -46.73 6.92
CA LYS A 381 -25.44 -46.51 8.36
C LYS A 381 -24.09 -46.13 8.96
N LYS A 382 -23.02 -46.84 8.61
CA LYS A 382 -21.69 -46.65 9.17
C LYS A 382 -20.66 -46.47 8.06
N VAL A 383 -19.91 -45.38 8.11
CA VAL A 383 -18.75 -45.19 7.24
C VAL A 383 -17.57 -44.70 8.08
N TRP A 384 -16.42 -44.55 7.42
CA TRP A 384 -15.20 -44.09 8.07
C TRP A 384 -15.08 -42.58 7.92
N ILE A 385 -15.02 -41.87 9.04
CA ILE A 385 -14.73 -40.44 9.04
C ILE A 385 -13.22 -40.25 9.12
N VAL A 386 -12.65 -39.59 8.12
CA VAL A 386 -11.21 -39.35 8.07
C VAL A 386 -10.97 -37.91 8.48
N PHE A 387 -10.59 -37.70 9.74
CA PHE A 387 -10.23 -36.37 10.24
C PHE A 387 -8.80 -36.05 9.86
N LEU A 388 -8.60 -34.99 9.09
CA LEU A 388 -7.28 -34.49 8.76
C LEU A 388 -7.10 -33.12 9.42
N ASP A 389 -6.28 -33.09 10.48
CA ASP A 389 -6.00 -31.87 11.23
C ASP A 389 -4.52 -31.51 11.10
N ILE A 390 -4.25 -30.26 10.73
CA ILE A 390 -2.88 -29.78 10.50
C ILE A 390 -2.62 -28.59 11.41
N ASN A 391 -1.66 -28.74 12.33
CA ASN A 391 -1.24 -27.69 13.25
C ASN A 391 0.03 -27.01 12.74
N VAL A 392 -0.05 -25.70 12.49
CA VAL A 392 1.10 -24.93 12.06
C VAL A 392 1.87 -24.47 13.30
N LEU A 393 3.12 -24.93 13.44
CA LEU A 393 3.99 -24.54 14.54
C LEU A 393 4.96 -23.43 14.20
N ASP A 394 5.34 -23.29 12.91
CA ASP A 394 6.27 -22.25 12.50
C ASP A 394 5.91 -21.85 11.08
N TYR A 395 5.67 -20.55 10.89
CA TYR A 395 5.18 -19.98 9.64
C TYR A 395 6.29 -19.17 9.00
N ASP A 396 6.77 -19.62 7.85
CA ASP A 396 7.77 -18.87 7.09
C ASP A 396 7.39 -18.72 5.62
N GLY A 397 6.11 -18.71 5.33
CA GLY A 397 5.58 -18.60 3.98
C GLY A 397 5.01 -19.92 3.50
N ASN A 398 4.21 -19.84 2.44
CA ASN A 398 3.68 -21.01 1.74
C ASN A 398 3.08 -22.03 2.72
N LEU A 399 2.04 -21.61 3.44
CA LEU A 399 1.38 -22.54 4.33
C LEU A 399 0.56 -23.57 3.56
N ILE A 400 0.06 -23.20 2.39
CA ILE A 400 -0.83 -24.09 1.65
C ILE A 400 -0.07 -25.31 1.15
N ASP A 401 1.10 -25.09 0.54
CA ASP A 401 1.88 -26.21 0.02
C ASP A 401 2.40 -27.10 1.14
N ALA A 402 3.02 -26.49 2.16
CA ALA A 402 3.50 -27.25 3.31
C ALA A 402 2.38 -28.10 3.91
N SER A 403 1.18 -27.54 4.04
CA SER A 403 0.05 -28.29 4.59
C SER A 403 -0.35 -29.42 3.66
N THR A 404 -0.32 -29.18 2.35
CA THR A 404 -0.64 -30.24 1.40
C THR A 404 0.37 -31.39 1.51
N ILE A 405 1.66 -31.07 1.51
CA ILE A 405 2.68 -32.10 1.66
C ILE A 405 2.45 -32.90 2.94
N ALA A 406 2.21 -32.20 4.05
CA ALA A 406 1.91 -32.89 5.31
C ALA A 406 0.66 -33.77 5.19
N ALA A 407 -0.39 -33.23 4.58
CA ALA A 407 -1.64 -33.98 4.41
C ALA A 407 -1.42 -35.26 3.63
N VAL A 408 -0.80 -35.13 2.44
CA VAL A 408 -0.54 -36.30 1.60
C VAL A 408 0.27 -37.32 2.36
N ALA A 409 1.39 -36.89 2.96
CA ALA A 409 2.26 -37.80 3.70
C ALA A 409 1.52 -38.48 4.84
N ALA A 410 0.72 -37.72 5.59
CA ALA A 410 0.01 -38.27 6.74
C ALA A 410 -1.10 -39.22 6.31
N LEU A 411 -1.69 -38.99 5.15
CA LEU A 411 -2.74 -39.87 4.65
C LEU A 411 -2.16 -41.19 4.13
N ARG A 412 -0.85 -41.22 3.86
CA ARG A 412 -0.19 -42.45 3.43
C ARG A 412 0.19 -43.38 4.59
N ASN A 413 0.37 -42.89 5.83
CA ASN A 413 0.30 -43.84 6.94
C ASN A 413 -1.18 -44.08 7.09
N ALA A 414 -1.67 -45.08 6.36
CA ALA A 414 -3.11 -45.12 6.17
C ALA A 414 -3.84 -45.75 7.35
N VAL A 415 -3.54 -47.02 7.65
CA VAL A 415 -3.88 -47.73 8.88
C VAL A 415 -5.26 -47.37 9.40
N VAL A 416 -6.30 -47.57 8.61
CA VAL A 416 -7.64 -47.33 9.19
C VAL A 416 -7.97 -48.46 10.14
N PRO A 417 -8.41 -48.18 11.36
CA PRO A 417 -8.68 -49.25 12.34
C PRO A 417 -9.99 -50.00 12.08
N ALA A 418 -9.97 -50.91 11.10
CA ALA A 418 -11.16 -51.70 10.83
C ALA A 418 -11.44 -52.75 11.90
N SER A 419 -10.46 -53.05 12.74
CA SER A 419 -10.63 -54.08 13.77
C SER A 419 -11.60 -53.70 14.87
N LYS A 420 -11.97 -52.42 14.99
CA LYS A 420 -12.95 -52.03 15.99
C LYS A 420 -14.39 -52.24 15.54
N GLU A 421 -14.65 -52.20 14.23
CA GLU A 421 -16.00 -52.40 13.73
C GLU A 421 -16.06 -53.65 12.86
N GLY A 422 -15.36 -54.68 13.31
CA GLY A 422 -15.36 -56.01 12.73
C GLY A 422 -13.89 -56.35 12.75
N GLY A 423 -13.39 -56.92 11.66
CA GLY A 423 -12.32 -56.24 10.93
C GLY A 423 -10.98 -56.90 10.73
N GLU A 424 -10.31 -56.44 9.67
CA GLU A 424 -8.86 -56.47 9.53
C GLU A 424 -8.39 -55.04 9.32
N ASP A 425 -7.51 -54.55 10.21
CA ASP A 425 -6.91 -53.25 9.98
C ASP A 425 -6.27 -53.21 8.59
N PHE A 426 -6.75 -52.32 7.74
CA PHE A 426 -6.24 -52.21 6.38
C PHE A 426 -5.69 -50.81 6.12
N LYS A 427 -4.83 -50.72 5.11
CA LYS A 427 -4.34 -49.43 4.67
C LYS A 427 -5.42 -48.71 3.87
N LEU A 428 -5.65 -47.45 4.23
CA LEU A 428 -6.57 -46.54 3.55
C LEU A 428 -6.17 -46.35 2.08
N PRO A 429 -7.05 -46.63 1.14
CA PRO A 429 -6.71 -46.53 -0.30
C PRO A 429 -6.22 -45.15 -0.69
N VAL A 430 -5.01 -45.10 -1.26
CA VAL A 430 -4.43 -43.88 -1.79
C VAL A 430 -4.31 -44.08 -3.31
N SER A 431 -5.13 -43.33 -4.06
CA SER A 431 -5.21 -43.49 -5.51
C SER A 431 -4.43 -42.44 -6.30
N SER A 432 -3.93 -41.40 -5.65
CA SER A 432 -3.25 -40.32 -6.37
C SER A 432 -2.35 -39.59 -5.39
N THR A 433 -1.56 -38.67 -5.92
CA THR A 433 -0.62 -37.88 -5.13
C THR A 433 -0.77 -36.42 -5.55
N PRO A 434 -1.74 -35.71 -4.95
CA PRO A 434 -1.91 -34.29 -5.30
C PRO A 434 -0.78 -33.46 -4.71
N ILE A 435 -0.18 -32.62 -5.56
CA ILE A 435 0.82 -31.65 -5.12
C ILE A 435 0.25 -30.28 -5.41
N SER A 436 0.14 -29.46 -4.37
CA SER A 436 -0.20 -28.06 -4.53
C SER A 436 1.07 -27.24 -4.69
N VAL A 437 1.04 -26.31 -5.63
CA VAL A 437 2.15 -25.38 -5.82
C VAL A 437 1.59 -23.97 -5.78
N THR A 438 2.21 -23.11 -4.99
CA THR A 438 1.76 -21.76 -4.77
C THR A 438 2.81 -20.81 -5.33
N MET A 439 2.34 -19.74 -5.97
CA MET A 439 3.16 -18.95 -6.88
C MET A 439 2.80 -17.48 -6.72
N VAL A 440 3.80 -16.61 -6.78
CA VAL A 440 3.60 -15.17 -6.73
C VAL A 440 4.53 -14.53 -7.75
N LYS A 441 4.30 -13.25 -7.99
CA LYS A 441 5.01 -12.50 -9.03
C LYS A 441 5.99 -11.55 -8.36
N ILE A 442 7.27 -11.86 -8.45
CA ILE A 442 8.31 -10.92 -8.08
C ILE A 442 8.72 -10.17 -9.34
N GLY A 443 8.56 -8.84 -9.32
CA GLY A 443 8.67 -8.03 -10.51
C GLY A 443 7.88 -8.60 -11.68
N ASP A 444 8.56 -8.86 -12.79
CA ASP A 444 7.94 -9.49 -13.96
C ASP A 444 8.12 -11.01 -14.01
N THR A 445 8.62 -11.65 -12.96
CA THR A 445 8.92 -13.08 -13.01
C THR A 445 8.19 -13.84 -11.93
N LEU A 446 7.46 -14.88 -12.34
CA LEU A 446 6.71 -15.76 -11.45
C LEU A 446 7.63 -16.75 -10.75
N VAL A 447 7.56 -16.78 -9.42
CA VAL A 447 8.29 -17.77 -8.62
C VAL A 447 7.28 -18.64 -7.88
N CYS A 448 7.78 -19.76 -7.33
CA CYS A 448 6.98 -20.68 -6.56
C CYS A 448 7.62 -20.90 -5.18
N ASP A 449 6.85 -21.51 -4.28
CA ASP A 449 7.17 -21.68 -2.88
C ASP A 449 7.73 -20.39 -2.29
N PRO A 450 6.90 -19.35 -2.18
CA PRO A 450 7.40 -18.08 -1.63
C PRO A 450 7.80 -18.24 -0.17
N SER A 451 8.89 -17.57 0.19
CA SER A 451 9.16 -17.37 1.60
C SER A 451 8.13 -16.38 2.16
N LEU A 452 8.20 -16.13 3.46
CA LEU A 452 7.31 -15.10 4.01
C LEU A 452 7.70 -13.72 3.48
N GLU A 453 8.99 -13.48 3.31
CA GLU A 453 9.47 -12.23 2.75
C GLU A 453 8.86 -11.99 1.37
N GLU A 454 8.99 -12.97 0.47
CA GLU A 454 8.35 -12.87 -0.83
C GLU A 454 6.83 -12.84 -0.72
N ASP A 455 6.27 -13.53 0.28
CA ASP A 455 4.81 -13.63 0.38
C ASP A 455 4.15 -12.27 0.56
N GLN A 456 4.81 -11.34 1.23
CA GLN A 456 4.23 -10.03 1.52
C GLN A 456 4.59 -8.95 0.51
N ILE A 457 5.71 -9.11 -0.21
CA ILE A 457 6.20 -8.03 -1.06
C ILE A 457 5.21 -7.69 -2.17
N CYS A 458 4.46 -8.67 -2.64
CA CYS A 458 3.56 -8.47 -3.76
C CYS A 458 2.19 -9.02 -3.40
N GLY A 459 1.16 -8.21 -3.59
CA GLY A 459 -0.20 -8.70 -3.41
C GLY A 459 -0.58 -9.60 -4.57
N GLY A 460 -1.07 -10.79 -4.24
CA GLY A 460 -1.54 -11.70 -5.26
C GLY A 460 -0.75 -13.00 -5.26
N ARG A 461 -1.45 -14.11 -5.00
CA ARG A 461 -0.86 -15.44 -5.09
C ARG A 461 -1.82 -16.34 -5.86
N ILE A 462 -1.30 -17.44 -6.37
CA ILE A 462 -2.10 -18.41 -7.10
C ILE A 462 -1.60 -19.80 -6.74
N THR A 463 -2.53 -20.68 -6.38
CA THR A 463 -2.22 -22.06 -6.03
C THR A 463 -2.77 -22.96 -7.12
N VAL A 464 -1.94 -23.88 -7.61
CA VAL A 464 -2.37 -24.86 -8.60
C VAL A 464 -2.01 -26.23 -8.05
N THR A 465 -3.01 -27.09 -7.89
CA THR A 465 -2.80 -28.46 -7.44
C THR A 465 -2.97 -29.39 -8.62
N THR A 466 -2.07 -30.37 -8.74
CA THR A 466 -2.09 -31.30 -9.85
C THR A 466 -1.88 -32.71 -9.33
N THR A 467 -2.33 -33.68 -10.12
CA THR A 467 -2.06 -35.10 -9.88
C THR A 467 -1.05 -35.61 -10.89
N GLU A 468 -0.53 -36.81 -10.63
CA GLU A 468 0.55 -37.35 -11.43
C GLU A 468 0.13 -37.69 -12.86
N ASP A 469 -1.17 -37.72 -13.16
CA ASP A 469 -1.65 -37.82 -14.52
C ASP A 469 -1.57 -36.49 -15.27
N GLY A 470 -0.99 -35.46 -14.67
CA GLY A 470 -0.95 -34.12 -15.24
C GLY A 470 -2.27 -33.40 -15.31
N HIS A 471 -3.30 -33.91 -14.63
CA HIS A 471 -4.56 -33.20 -14.50
C HIS A 471 -4.46 -32.13 -13.41
N ILE A 472 -5.25 -31.07 -13.57
CA ILE A 472 -5.37 -30.03 -12.57
C ILE A 472 -6.62 -30.32 -11.76
N ARG A 473 -6.47 -30.33 -10.43
CA ARG A 473 -7.56 -30.70 -9.54
C ARG A 473 -8.11 -29.55 -8.73
N ALA A 474 -7.29 -28.56 -8.39
CA ALA A 474 -7.80 -27.37 -7.73
C ALA A 474 -6.90 -26.20 -8.06
N MET A 475 -7.49 -25.00 -8.07
CA MET A 475 -6.76 -23.75 -8.17
C MET A 475 -7.39 -22.75 -7.22
N GLN A 476 -6.62 -21.73 -6.86
CA GLN A 476 -7.11 -20.71 -5.94
C GLN A 476 -6.26 -19.46 -6.11
N LYS A 477 -6.89 -18.37 -6.55
CA LYS A 477 -6.21 -17.08 -6.53
C LYS A 477 -6.47 -16.44 -5.18
N GLY A 478 -5.43 -15.88 -4.57
CA GLY A 478 -5.52 -15.36 -3.23
C GLY A 478 -4.99 -13.95 -3.14
N GLU A 479 -5.37 -13.28 -2.05
CA GLU A 479 -4.86 -11.96 -1.69
C GLU A 479 -5.38 -10.89 -2.64
N ILE A 480 -5.08 -9.63 -2.34
CA ILE A 480 -5.48 -8.51 -3.19
C ILE A 480 -4.44 -8.33 -4.30
N GLY A 481 -4.90 -8.23 -5.53
CA GLY A 481 -4.03 -8.19 -6.68
C GLY A 481 -4.62 -9.00 -7.82
N ALA A 482 -4.20 -8.68 -9.03
CA ALA A 482 -4.70 -9.36 -10.22
C ALA A 482 -3.57 -10.10 -10.92
N PHE A 483 -3.96 -11.06 -11.76
CA PHE A 483 -3.05 -11.81 -12.60
C PHE A 483 -3.50 -11.71 -14.05
N THR A 484 -2.54 -11.58 -14.96
CA THR A 484 -2.90 -11.70 -16.37
C THR A 484 -3.19 -13.16 -16.70
N VAL A 485 -3.84 -13.37 -17.85
CA VAL A 485 -4.05 -14.72 -18.34
C VAL A 485 -2.72 -15.45 -18.54
N GLU A 486 -1.72 -14.73 -19.04
CA GLU A 486 -0.39 -15.31 -19.22
C GLU A 486 0.18 -15.78 -17.88
N ASP A 487 0.09 -14.93 -16.85
CA ASP A 487 0.53 -15.33 -15.52
C ASP A 487 -0.13 -16.63 -15.07
N VAL A 488 -1.45 -16.71 -15.23
CA VAL A 488 -2.16 -17.92 -14.83
C VAL A 488 -1.74 -19.10 -15.70
N LYS A 489 -1.40 -18.85 -16.96
CA LYS A 489 -0.91 -19.91 -17.82
C LYS A 489 0.47 -20.38 -17.39
N LYS A 490 1.39 -19.44 -17.15
CA LYS A 490 2.70 -19.81 -16.62
C LYS A 490 2.58 -20.52 -15.28
N ALA A 491 1.65 -20.06 -14.42
CA ALA A 491 1.41 -20.71 -13.14
C ALA A 491 1.03 -22.18 -13.32
N VAL A 492 0.10 -22.44 -14.24
CA VAL A 492 -0.35 -23.81 -14.49
C VAL A 492 0.81 -24.68 -14.95
N LYS A 493 1.60 -24.17 -15.91
CA LYS A 493 2.73 -24.93 -16.42
C LYS A 493 3.79 -25.14 -15.33
N MET A 494 4.15 -24.08 -14.61
CA MET A 494 5.16 -24.21 -13.56
C MET A 494 4.72 -25.22 -12.49
N SER A 495 3.43 -25.19 -12.11
CA SER A 495 2.95 -26.09 -11.08
C SER A 495 2.99 -27.53 -11.54
N LEU A 496 2.66 -27.78 -12.81
CA LEU A 496 2.79 -29.12 -13.35
C LEU A 496 4.25 -29.57 -13.35
N GLU A 497 5.13 -28.76 -13.92
CA GLU A 497 6.56 -29.07 -13.94
C GLU A 497 7.11 -29.37 -12.55
N VAL A 498 7.00 -28.41 -11.63
CA VAL A 498 7.63 -28.59 -10.31
C VAL A 498 6.91 -29.63 -9.45
N GLY A 499 5.63 -29.90 -9.71
CA GLY A 499 4.96 -30.96 -8.98
C GLY A 499 5.50 -32.32 -9.36
N LYS A 500 5.72 -32.54 -10.65
CA LYS A 500 6.45 -33.69 -11.14
C LYS A 500 7.74 -33.92 -10.36
N LYS A 501 8.62 -32.92 -10.37
CA LYS A 501 9.88 -33.01 -9.63
C LYS A 501 9.64 -33.32 -8.15
N LEU A 502 8.72 -32.59 -7.53
CA LEU A 502 8.37 -32.82 -6.13
C LEU A 502 7.97 -34.27 -5.88
N ARG A 503 7.05 -34.78 -6.70
CA ARG A 503 6.46 -36.09 -6.44
C ARG A 503 7.51 -37.20 -6.45
N GLU A 504 8.44 -37.15 -7.40
CA GLU A 504 9.47 -38.18 -7.50
C GLU A 504 10.50 -38.08 -6.39
N LYS A 505 10.77 -36.86 -5.89
CA LYS A 505 11.81 -36.72 -4.88
C LYS A 505 11.32 -37.15 -3.51
N TYR A 506 10.05 -36.91 -3.20
CA TYR A 506 9.49 -37.28 -1.92
C TYR A 506 8.34 -38.28 -2.08
N LYS B 10 37.52 38.28 6.45
CA LYS B 10 36.14 38.70 6.63
C LYS B 10 35.25 38.11 5.54
N LEU B 11 35.85 37.38 4.60
CA LEU B 11 35.13 36.77 3.49
C LEU B 11 35.11 35.25 3.66
N ILE B 12 33.97 34.65 3.29
CA ILE B 12 33.74 33.25 3.63
C ILE B 12 34.72 32.32 2.94
N ASN B 13 35.18 32.65 1.72
CA ASN B 13 36.15 31.78 1.06
C ASN B 13 37.09 32.63 0.21
N GLU B 14 38.35 32.70 0.66
CA GLU B 14 39.46 33.33 -0.03
C GLU B 14 40.31 32.22 -0.66
N ASP B 15 40.69 32.40 -1.93
CA ASP B 15 41.46 31.44 -2.72
C ASP B 15 40.62 30.24 -3.15
N ASN B 16 39.30 30.28 -2.96
CA ASN B 16 38.38 29.17 -3.19
C ASN B 16 38.50 28.09 -2.12
N LEU B 17 39.00 28.47 -0.95
CA LEU B 17 39.07 27.59 0.21
C LEU B 17 38.30 28.24 1.34
N ARG B 18 37.55 27.43 2.08
CA ARG B 18 36.56 27.94 3.01
C ARG B 18 37.18 28.24 4.38
N LEU B 19 36.34 28.77 5.28
CA LEU B 19 36.78 29.23 6.59
C LEU B 19 37.55 28.18 7.37
N ASP B 20 37.30 26.89 7.12
CA ASP B 20 38.03 25.82 7.78
C ASP B 20 39.08 25.19 6.86
N GLY B 21 39.36 25.81 5.72
CA GLY B 21 40.36 25.32 4.81
C GLY B 21 39.93 24.22 3.87
N ARG B 22 38.65 23.86 3.85
CA ARG B 22 38.20 22.83 2.92
C ARG B 22 37.97 23.43 1.54
N SER B 23 38.07 22.57 0.53
CA SER B 23 37.71 22.93 -0.83
C SER B 23 36.20 22.82 -1.00
N PHE B 24 35.72 23.10 -2.21
CA PHE B 24 34.28 23.15 -2.44
C PHE B 24 33.61 21.78 -2.33
N ASN B 25 34.35 20.70 -2.60
CA ASN B 25 33.81 19.35 -2.58
C ASN B 25 34.45 18.50 -1.49
N GLU B 26 34.74 19.09 -0.33
CA GLU B 26 35.38 18.38 0.77
C GLU B 26 34.43 18.28 1.97
N LEU B 27 34.28 17.06 2.48
CA LEU B 27 33.43 16.77 3.63
C LEU B 27 34.07 17.20 4.94
N ARG B 28 33.22 17.66 5.87
CA ARG B 28 33.61 17.81 7.26
C ARG B 28 33.83 16.44 7.88
N PRO B 29 34.62 16.36 8.96
CA PRO B 29 34.82 15.06 9.64
C PRO B 29 33.50 14.41 10.01
N ILE B 30 33.40 13.11 9.75
CA ILE B 30 32.21 12.32 10.04
C ILE B 30 32.66 11.05 10.73
N LYS B 31 32.04 10.74 11.88
CA LYS B 31 32.35 9.55 12.63
C LYS B 31 31.05 8.95 13.15
N ILE B 32 30.89 7.64 12.94
CA ILE B 32 29.69 6.94 13.37
C ILE B 32 30.10 5.73 14.20
N GLN B 33 29.49 5.57 15.37
CA GLN B 33 29.64 4.39 16.19
C GLN B 33 28.27 3.73 16.36
N ALA B 34 28.23 2.41 16.26
CA ALA B 34 26.97 1.70 16.38
C ALA B 34 26.88 0.95 17.70
N GLY B 35 25.65 0.64 18.09
CA GLY B 35 25.40 -0.12 19.30
C GLY B 35 25.97 0.47 20.58
N VAL B 36 25.91 1.80 20.71
CA VAL B 36 26.41 2.44 21.92
C VAL B 36 25.39 2.47 23.05
N LEU B 37 24.11 2.34 22.74
CA LEU B 37 23.06 2.36 23.75
C LEU B 37 22.74 0.95 24.20
N ASN B 38 22.33 0.83 25.47
CA ASN B 38 22.03 -0.46 26.09
C ASN B 38 20.57 -0.84 25.88
N ARG B 39 19.65 0.10 26.13
CA ARG B 39 18.23 -0.22 26.08
C ARG B 39 17.73 -0.37 24.64
N ALA B 40 18.07 0.55 23.76
CA ALA B 40 17.57 0.54 22.40
C ALA B 40 17.94 -0.76 21.69
N ASP B 41 17.02 -1.27 20.87
CA ASP B 41 17.33 -2.44 20.06
C ASP B 41 18.47 -2.15 19.09
N GLY B 42 18.52 -0.93 18.57
CA GLY B 42 19.63 -0.49 17.74
C GLY B 42 19.96 0.95 18.06
N SER B 43 21.24 1.27 17.95
CA SER B 43 21.65 2.65 18.23
C SER B 43 22.82 3.02 17.33
N ALA B 44 23.05 4.32 17.25
CA ALA B 44 24.14 4.87 16.44
C ALA B 44 24.41 6.29 16.90
N TYR B 45 25.67 6.57 17.20
CA TYR B 45 26.12 7.91 17.57
C TYR B 45 26.96 8.48 16.43
N ILE B 46 26.64 9.71 16.03
CA ILE B 46 27.28 10.34 14.89
C ILE B 46 27.83 11.70 15.32
N GLU B 47 29.05 11.99 14.90
CA GLU B 47 29.59 13.34 14.96
C GLU B 47 29.91 13.75 13.53
N TRP B 48 29.36 14.90 13.13
CA TRP B 48 29.51 15.41 11.77
C TRP B 48 29.79 16.91 11.92
N GLY B 49 31.04 17.30 11.79
CA GLY B 49 31.38 18.65 12.17
C GLY B 49 31.10 18.82 13.65
N GLY B 50 30.46 19.91 14.01
CA GLY B 50 30.05 20.13 15.38
C GLY B 50 28.76 19.45 15.79
N ASN B 51 28.11 18.75 14.87
CA ASN B 51 26.89 18.04 15.21
C ASN B 51 27.21 16.84 16.08
N LYS B 52 26.47 16.70 17.19
CA LYS B 52 26.53 15.52 18.03
C LYS B 52 25.11 14.99 18.16
N ILE B 53 24.84 13.81 17.61
CA ILE B 53 23.49 13.28 17.48
C ILE B 53 23.50 11.82 17.90
N MET B 54 22.56 11.46 18.77
CA MET B 54 22.38 10.09 19.21
C MET B 54 21.04 9.59 18.68
N VAL B 55 21.03 8.36 18.18
CA VAL B 55 19.88 7.80 17.52
C VAL B 55 19.64 6.40 18.07
N GLY B 56 18.38 6.11 18.37
CA GLY B 56 18.02 4.84 18.95
C GLY B 56 16.75 4.29 18.34
N VAL B 57 16.70 2.99 18.13
CA VAL B 57 15.60 2.37 17.40
C VAL B 57 14.94 1.34 18.31
N TYR B 58 13.61 1.33 18.29
CA TYR B 58 12.82 0.28 18.91
C TYR B 58 11.85 -0.25 17.87
N GLY B 59 11.65 -1.56 17.88
CA GLY B 59 10.70 -2.18 16.98
C GLY B 59 11.36 -3.17 16.06
N PRO B 60 10.57 -3.86 15.21
CA PRO B 60 9.11 -3.80 15.07
C PRO B 60 8.33 -4.27 16.30
N LYS B 61 7.22 -3.60 16.56
CA LYS B 61 6.33 -3.93 17.68
C LYS B 61 4.96 -3.37 17.38
N GLU B 62 3.96 -3.89 18.06
CA GLU B 62 2.58 -3.51 17.77
C GLU B 62 2.35 -2.03 18.07
N ALA B 63 1.66 -1.36 17.16
CA ALA B 63 1.50 0.09 17.25
C ALA B 63 0.54 0.49 18.36
N TYR B 64 0.91 1.54 19.09
CA TYR B 64 0.04 2.15 20.09
C TYR B 64 -0.07 3.64 19.78
N PRO B 65 -1.28 4.22 19.74
CA PRO B 65 -2.56 3.51 19.94
C PRO B 65 -3.00 2.76 18.70
N LYS B 66 -4.12 2.04 18.79
CA LYS B 66 -4.62 1.28 17.65
C LYS B 66 -5.13 2.18 16.53
N HIS B 67 -5.28 3.48 16.79
CA HIS B 67 -5.61 4.46 15.76
C HIS B 67 -4.43 4.77 14.85
N SER B 68 -3.28 4.19 15.14
CA SER B 68 -2.09 4.17 14.28
C SER B 68 -2.06 2.94 13.40
N GLN B 69 -2.37 1.79 13.99
CA GLN B 69 -2.26 0.46 13.38
C GLN B 69 -2.76 0.42 11.94
N ASP B 70 -1.98 -0.25 11.10
CA ASP B 70 -2.19 -0.36 9.65
C ASP B 70 -1.99 -1.82 9.28
N ILE B 71 -2.93 -2.40 8.52
CA ILE B 71 -2.93 -3.84 8.32
C ILE B 71 -1.97 -4.25 7.23
N ASP B 72 -1.71 -3.37 6.28
CA ASP B 72 -0.75 -3.67 5.23
C ASP B 72 0.64 -3.86 5.81
N HIS B 73 1.11 -2.87 6.56
CA HIS B 73 2.55 -2.73 6.75
C HIS B 73 2.81 -1.93 8.03
N ALA B 74 4.10 -1.79 8.34
CA ALA B 74 4.54 -1.05 9.52
C ALA B 74 4.43 0.46 9.29
N ILE B 75 4.25 1.19 10.39
CA ILE B 75 4.36 2.64 10.41
C ILE B 75 5.72 3.00 10.98
N VAL B 76 6.44 3.88 10.30
CA VAL B 76 7.75 4.36 10.75
C VAL B 76 7.54 5.69 11.46
N LYS B 77 7.69 5.68 12.78
CA LYS B 77 7.56 6.89 13.59
C LYS B 77 8.96 7.36 13.95
N ALA B 78 9.48 8.31 13.18
CA ALA B 78 10.74 8.98 13.46
C ALA B 78 10.45 10.27 14.21
N ARG B 79 11.07 10.43 15.36
CA ARG B 79 10.90 11.64 16.17
C ARG B 79 12.24 12.34 16.26
N TYR B 80 12.29 13.57 15.77
CA TYR B 80 13.50 14.37 15.76
C TYR B 80 13.35 15.42 16.85
N ASN B 81 14.31 15.46 17.76
CA ASN B 81 14.19 16.25 18.97
C ASN B 81 15.53 16.90 19.28
N MET B 82 15.48 18.15 19.70
CA MET B 82 16.69 18.92 19.98
C MET B 82 16.78 19.15 21.47
N ALA B 83 17.96 18.91 22.02
CA ALA B 83 18.19 19.15 23.43
C ALA B 83 18.16 20.65 23.70
N ALA B 84 17.76 21.02 24.92
CA ALA B 84 17.64 22.43 25.27
C ALA B 84 18.96 23.15 25.16
N PHE B 85 20.08 22.44 25.26
CA PHE B 85 21.41 23.00 25.26
C PHE B 85 22.15 22.79 23.94
N SER B 86 21.42 22.61 22.84
CA SER B 86 22.01 22.16 21.59
C SER B 86 22.08 23.24 20.50
N VAL B 87 21.51 24.42 20.73
CA VAL B 87 21.53 25.52 19.78
C VAL B 87 22.02 26.77 20.50
N ASP B 88 22.07 27.89 19.77
CA ASP B 88 22.67 29.11 20.31
C ASP B 88 21.97 29.55 21.59
N GLU B 89 20.67 29.87 21.50
CA GLU B 89 19.88 30.18 22.68
C GLU B 89 19.28 28.91 23.25
N ARG B 90 19.22 28.81 24.57
CA ARG B 90 18.52 27.71 25.20
C ARG B 90 17.11 27.60 24.64
N LYS B 91 16.74 26.41 24.19
CA LYS B 91 15.42 26.20 23.63
C LYS B 91 14.54 25.47 24.64
N ARG B 92 13.26 25.80 24.62
CA ARG B 92 12.29 25.05 25.40
C ARG B 92 12.30 23.61 24.92
N PRO B 93 12.20 22.63 25.82
CA PRO B 93 12.31 21.24 25.39
C PRO B 93 11.03 20.76 24.71
N GLY B 94 11.16 19.63 24.03
CA GLY B 94 10.04 19.04 23.32
C GLY B 94 9.81 19.60 21.93
N PRO B 95 8.88 18.97 21.21
CA PRO B 95 8.66 19.31 19.80
C PRO B 95 8.23 20.75 19.58
N ASP B 96 8.78 21.35 18.53
CA ASP B 96 8.28 22.59 17.95
C ASP B 96 7.88 22.31 16.50
N ARG B 97 7.49 23.37 15.79
CA ARG B 97 7.04 23.21 14.42
C ARG B 97 8.14 22.66 13.52
N ARG B 98 9.33 23.25 13.61
CA ARG B 98 10.45 22.83 12.76
C ARG B 98 10.80 21.36 12.95
N THR B 99 10.82 20.89 14.20
CA THR B 99 11.21 19.51 14.45
C THR B 99 10.10 18.52 14.12
N MET B 100 8.84 18.99 14.01
CA MET B 100 7.76 18.13 13.56
C MET B 100 7.76 17.97 12.05
N GLU B 101 8.16 19.01 11.31
CA GLU B 101 8.32 18.85 9.87
C GLU B 101 9.51 17.95 9.57
N ILE B 102 10.65 18.22 10.20
CA ILE B 102 11.83 17.35 10.05
C ILE B 102 11.46 15.91 10.37
N SER B 103 10.80 15.67 11.50
CA SER B 103 10.36 14.32 11.85
C SER B 103 9.51 13.69 10.76
N LYS B 104 8.57 14.46 10.20
CA LYS B 104 7.74 13.97 9.10
C LYS B 104 8.60 13.57 7.90
N VAL B 105 9.51 14.46 7.50
CA VAL B 105 10.26 14.26 6.27
C VAL B 105 11.27 13.12 6.44
N ILE B 106 11.85 13.00 7.65
CA ILE B 106 12.71 11.86 7.95
C ILE B 106 11.92 10.56 7.95
N SER B 107 10.73 10.56 8.57
CA SER B 107 9.90 9.36 8.61
C SER B 107 9.59 8.84 7.21
N GLU B 108 9.26 9.74 6.29
CA GLU B 108 8.88 9.32 4.94
C GLU B 108 10.07 8.79 4.16
N ALA B 109 11.23 9.43 4.29
CA ALA B 109 12.45 8.93 3.67
C ALA B 109 12.73 7.49 4.10
N LEU B 110 12.67 7.22 5.40
CA LEU B 110 12.97 5.89 5.92
C LEU B 110 11.90 4.87 5.55
N SER B 111 10.69 5.32 5.26
CA SER B 111 9.64 4.38 4.87
C SER B 111 9.85 3.84 3.45
N SER B 112 10.72 4.48 2.66
CA SER B 112 11.07 3.90 1.37
C SER B 112 12.17 2.85 1.46
N SER B 113 12.94 2.82 2.54
CA SER B 113 14.05 1.88 2.67
C SER B 113 13.80 0.76 3.65
N ILE B 114 13.15 1.04 4.79
CA ILE B 114 12.73 -0.03 5.68
C ILE B 114 11.76 -0.92 4.93
N MET B 115 11.92 -2.23 5.08
CA MET B 115 11.05 -3.17 4.36
C MET B 115 9.70 -3.18 5.08
N ILE B 116 9.02 -2.04 4.89
CA ILE B 116 7.77 -1.69 5.55
C ILE B 116 6.77 -2.85 5.54
N GLU B 117 6.60 -3.48 4.37
CA GLU B 117 5.55 -4.49 4.19
C GLU B 117 5.79 -5.76 4.99
N GLN B 118 6.94 -5.93 5.63
CA GLN B 118 7.25 -7.17 6.34
C GLN B 118 6.60 -7.25 7.72
N PHE B 119 6.08 -6.16 8.27
CA PHE B 119 5.57 -6.13 9.64
C PHE B 119 4.21 -5.45 9.68
N PRO B 120 3.18 -6.13 9.19
CA PRO B 120 1.79 -5.64 9.35
C PRO B 120 1.46 -5.35 10.81
N ARG B 121 0.70 -4.27 11.02
CA ARG B 121 0.22 -3.81 12.33
C ARG B 121 1.36 -3.37 13.24
N ALA B 122 2.58 -3.31 12.74
CA ALA B 122 3.72 -2.98 13.57
C ALA B 122 4.08 -1.51 13.46
N GLU B 123 4.96 -1.08 14.35
CA GLU B 123 5.44 0.29 14.42
C GLU B 123 6.92 0.23 14.70
N ILE B 124 7.69 1.11 14.07
CA ILE B 124 9.14 1.12 14.19
C ILE B 124 9.54 2.52 14.61
N ASP B 125 10.03 2.64 15.83
CA ASP B 125 10.35 3.93 16.43
C ASP B 125 11.81 4.25 16.20
N VAL B 126 12.07 5.46 15.71
CA VAL B 126 13.43 5.95 15.51
C VAL B 126 13.51 7.28 16.23
N TYR B 127 14.27 7.33 17.32
CA TYR B 127 14.43 8.55 18.08
C TYR B 127 15.76 9.18 17.73
N ILE B 128 15.72 10.42 17.26
CA ILE B 128 16.91 11.16 16.86
C ILE B 128 17.05 12.32 17.81
N GLU B 129 18.03 12.23 18.72
CA GLU B 129 18.27 13.26 19.72
C GLU B 129 19.55 14.01 19.35
N VAL B 130 19.39 15.24 18.88
CA VAL B 130 20.54 16.09 18.60
C VAL B 130 20.98 16.75 19.91
N LEU B 131 22.20 16.44 20.34
CA LEU B 131 22.77 16.97 21.57
C LEU B 131 23.47 18.31 21.36
N GLN B 132 24.09 18.49 20.20
CA GLN B 132 24.72 19.74 19.81
C GLN B 132 24.53 19.90 18.32
N ALA B 133 24.08 21.07 17.87
CA ALA B 133 23.80 21.26 16.46
C ALA B 133 24.79 22.25 15.86
N ASP B 134 25.49 21.76 14.85
CA ASP B 134 26.03 22.44 13.69
C ASP B 134 24.94 22.33 12.62
N ALA B 135 25.25 22.69 11.38
CA ALA B 135 24.22 22.72 10.35
C ALA B 135 24.25 21.42 9.56
N GLY B 136 23.21 21.23 8.76
CA GLY B 136 22.88 19.92 8.21
C GLY B 136 22.60 18.86 9.26
N THR B 137 21.90 19.24 10.34
CA THR B 137 21.61 18.28 11.41
C THR B 137 20.61 17.21 10.97
N ARG B 138 19.64 17.57 10.12
CA ARG B 138 18.63 16.60 9.72
C ARG B 138 19.22 15.50 8.84
N ILE B 139 20.20 15.85 8.00
CA ILE B 139 20.84 14.84 7.17
C ILE B 139 21.74 13.94 8.01
N ALA B 140 22.48 14.53 8.95
CA ALA B 140 23.29 13.74 9.87
C ALA B 140 22.43 12.78 10.67
N GLY B 141 21.26 13.24 11.12
CA GLY B 141 20.36 12.36 11.85
C GLY B 141 19.86 11.20 11.01
N LEU B 142 19.49 11.48 9.75
CA LEU B 142 19.01 10.45 8.84
C LEU B 142 20.12 9.47 8.49
N THR B 143 21.35 9.97 8.35
CA THR B 143 22.49 9.11 8.05
C THR B 143 22.77 8.16 9.20
N ALA B 144 22.70 8.65 10.44
CA ALA B 144 22.91 7.79 11.60
C ALA B 144 21.71 6.85 11.84
N ALA B 145 20.51 7.29 11.47
CA ALA B 145 19.32 6.46 11.64
C ALA B 145 19.45 5.17 10.85
N THR B 146 19.98 5.24 9.63
CA THR B 146 20.17 4.06 8.80
C THR B 146 21.07 3.04 9.51
N VAL B 147 22.14 3.51 10.15
CA VAL B 147 23.04 2.62 10.88
C VAL B 147 22.32 2.02 12.08
N ALA B 148 21.55 2.84 12.81
CA ALA B 148 20.84 2.38 13.99
C ALA B 148 19.81 1.32 13.62
N LEU B 149 19.09 1.53 12.51
CA LEU B 149 18.15 0.53 12.03
C LEU B 149 18.87 -0.79 11.72
N ALA B 150 19.96 -0.73 10.94
CA ALA B 150 20.73 -1.93 10.64
C ALA B 150 21.29 -2.56 11.91
N ASP B 151 21.68 -1.73 12.88
CA ASP B 151 22.18 -2.24 14.14
C ASP B 151 21.10 -2.96 14.95
N ALA B 152 19.83 -2.62 14.72
CA ALA B 152 18.70 -3.27 15.39
C ALA B 152 18.19 -4.49 14.63
N GLY B 153 18.74 -4.77 13.46
CA GLY B 153 18.29 -5.89 12.67
C GLY B 153 17.02 -5.63 11.89
N VAL B 154 16.68 -4.37 11.65
CA VAL B 154 15.52 -4.05 10.83
C VAL B 154 15.88 -4.30 9.36
N PRO B 155 15.06 -5.04 8.62
CA PRO B 155 15.39 -5.32 7.22
C PRO B 155 15.07 -4.11 6.34
N MET B 156 16.06 -3.72 5.54
CA MET B 156 15.91 -2.60 4.62
C MET B 156 16.29 -3.04 3.22
N ARG B 157 15.69 -2.40 2.22
CA ARG B 157 16.01 -2.69 0.83
C ARG B 157 17.09 -1.77 0.27
N ASP B 158 17.50 -0.77 1.03
CA ASP B 158 18.67 0.03 0.74
C ASP B 158 19.07 0.73 2.03
N MET B 159 20.18 1.47 1.98
CA MET B 159 20.66 2.17 3.16
C MET B 159 20.65 3.65 2.81
N VAL B 160 19.60 4.35 3.28
CA VAL B 160 19.48 5.77 2.98
C VAL B 160 20.70 6.50 3.53
N VAL B 161 21.20 7.44 2.74
CA VAL B 161 22.36 8.24 3.09
C VAL B 161 22.18 9.60 2.43
N GLY B 162 22.73 10.63 3.05
CA GLY B 162 22.62 11.92 2.42
C GLY B 162 23.74 12.88 2.70
N CYS B 163 23.57 14.11 2.24
CA CYS B 163 24.52 15.19 2.42
C CYS B 163 23.82 16.49 2.04
N THR B 164 24.40 17.60 2.46
CA THR B 164 23.90 18.90 2.04
C THR B 164 24.87 19.55 1.07
N ALA B 165 24.37 20.55 0.37
CA ALA B 165 25.19 21.41 -0.46
C ALA B 165 24.52 22.77 -0.47
N GLY B 166 25.26 23.77 -0.91
CA GLY B 166 24.74 25.11 -0.83
C GLY B 166 25.42 26.04 -1.80
N LYS B 167 25.08 27.32 -1.68
CA LYS B 167 25.67 28.36 -2.49
C LYS B 167 26.21 29.41 -1.54
N VAL B 168 27.52 29.63 -1.58
CA VAL B 168 28.17 30.56 -0.69
C VAL B 168 29.03 31.50 -1.53
N ASP B 169 28.79 32.80 -1.40
CA ASP B 169 29.59 33.82 -2.07
C ASP B 169 29.73 33.51 -3.56
N GLY B 170 28.62 33.11 -4.17
CA GLY B 170 28.62 32.74 -5.58
C GLY B 170 28.96 31.29 -5.88
N HIS B 171 29.59 30.56 -4.95
CA HIS B 171 30.13 29.25 -5.26
C HIS B 171 29.26 28.13 -4.68
N MET B 172 29.05 27.10 -5.48
CA MET B 172 28.41 25.87 -5.04
C MET B 172 29.37 25.06 -4.19
N VAL B 173 29.06 24.89 -2.91
CA VAL B 173 29.92 24.15 -2.00
C VAL B 173 29.12 23.02 -1.38
N LEU B 174 29.86 22.05 -0.82
CA LEU B 174 29.31 20.83 -0.26
C LEU B 174 29.42 20.84 1.26
N ASP B 175 28.41 20.27 1.93
CA ASP B 175 28.47 20.02 3.38
C ASP B 175 28.72 21.29 4.18
N LEU B 176 27.78 22.23 4.07
CA LEU B 176 27.97 23.57 4.61
C LEU B 176 28.20 23.53 6.11
N SER B 177 29.12 24.39 6.58
CA SER B 177 29.31 24.65 7.99
C SER B 177 28.17 25.55 8.48
N LYS B 178 28.19 25.87 9.78
CA LYS B 178 27.12 26.72 10.30
C LYS B 178 27.31 28.17 9.88
N GLU B 179 28.56 28.64 9.83
CA GLU B 179 28.82 29.97 9.29
C GLU B 179 28.35 30.10 7.84
N GLU B 180 28.45 29.01 7.07
CA GLU B 180 28.00 29.04 5.68
C GLU B 180 26.48 28.97 5.58
N ASP B 181 25.84 28.24 6.49
CA ASP B 181 24.38 28.15 6.48
C ASP B 181 23.74 29.46 6.90
N ASN B 182 24.40 30.23 7.76
CA ASN B 182 23.83 31.48 8.25
C ASN B 182 23.95 32.60 7.21
N TYR B 183 25.07 32.65 6.50
CA TYR B 183 25.39 33.76 5.60
C TYR B 183 25.41 33.37 4.14
N GLY B 184 25.13 32.11 3.82
CA GLY B 184 25.08 31.66 2.45
C GLY B 184 23.82 32.08 1.73
N GLU B 185 23.71 31.63 0.49
CA GLU B 185 22.61 32.03 -0.38
C GLU B 185 21.66 30.89 -0.70
N ALA B 186 22.01 29.66 -0.36
CA ALA B 186 21.12 28.52 -0.57
C ALA B 186 21.58 27.35 0.27
N ASP B 187 20.62 26.53 0.69
CA ASP B 187 20.87 25.33 1.49
C ASP B 187 20.08 24.19 0.88
N ILE B 188 20.75 23.05 0.63
CA ILE B 188 20.14 21.98 -0.15
C ILE B 188 20.44 20.61 0.48
N PRO B 189 19.62 20.14 1.42
CA PRO B 189 19.75 18.75 1.88
C PRO B 189 19.10 17.79 0.89
N ILE B 190 19.79 16.67 0.66
CA ILE B 190 19.28 15.58 -0.18
C ILE B 190 19.72 14.26 0.44
N ALA B 191 18.81 13.30 0.48
CA ALA B 191 19.14 11.92 0.85
C ALA B 191 18.60 10.99 -0.23
N ILE B 192 19.32 9.89 -0.45
CA ILE B 192 19.10 9.03 -1.60
C ILE B 192 19.15 7.56 -1.19
N MET B 193 18.73 6.70 -2.12
CA MET B 193 18.94 5.25 -2.05
C MET B 193 20.12 4.92 -2.95
N PRO B 194 21.31 4.66 -2.39
CA PRO B 194 22.51 4.49 -3.23
C PRO B 194 22.36 3.55 -4.41
N LYS B 195 21.83 2.34 -4.18
CA LYS B 195 21.68 1.34 -5.25
C LYS B 195 21.10 1.92 -6.53
N THR B 196 20.15 2.85 -6.41
CA THR B 196 19.49 3.43 -7.58
C THR B 196 19.79 4.90 -7.78
N GLY B 197 20.11 5.63 -6.71
CA GLY B 197 20.19 7.07 -6.76
C GLY B 197 18.84 7.75 -6.61
N ASP B 198 17.79 6.99 -6.35
CA ASP B 198 16.46 7.58 -6.13
C ASP B 198 16.49 8.49 -4.91
N ILE B 199 15.89 9.66 -5.05
CA ILE B 199 15.88 10.68 -4.01
C ILE B 199 14.67 10.44 -3.10
N VAL B 200 14.94 10.23 -1.81
CA VAL B 200 13.89 9.99 -0.83
C VAL B 200 13.67 11.21 0.06
N LEU B 201 14.62 12.14 0.13
CA LEU B 201 14.48 13.39 0.86
C LEU B 201 15.18 14.46 0.06
N MET B 202 14.54 15.62 -0.04
CA MET B 202 15.14 16.76 -0.70
C MET B 202 14.38 18.01 -0.33
N GLN B 203 15.12 19.03 0.08
CA GLN B 203 14.59 20.34 0.40
C GLN B 203 15.58 21.37 -0.11
N MET B 204 15.12 22.61 -0.22
CA MET B 204 15.96 23.66 -0.75
C MET B 204 15.33 24.99 -0.36
N ASP B 205 16.13 25.86 0.23
CA ASP B 205 15.75 27.25 0.48
C ASP B 205 16.87 28.14 0.00
N GLY B 206 16.52 29.29 -0.57
CA GLY B 206 17.52 30.25 -0.94
C GLY B 206 17.31 30.89 -2.30
N ASP B 207 18.36 30.88 -3.12
CA ASP B 207 18.37 31.58 -4.41
C ASP B 207 19.45 30.94 -5.27
N VAL B 208 19.04 30.33 -6.39
CA VAL B 208 19.89 29.42 -7.12
C VAL B 208 19.36 29.28 -8.54
N THR B 209 20.28 29.21 -9.51
CA THR B 209 19.91 29.09 -10.91
C THR B 209 19.80 27.62 -11.28
N GLU B 210 19.66 27.31 -12.57
CA GLU B 210 19.42 25.95 -13.00
C GLU B 210 20.62 25.40 -13.77
N ASP B 211 21.81 25.92 -13.46
CA ASP B 211 23.07 25.20 -13.58
C ASP B 211 23.88 25.39 -12.30
N GLU B 212 23.19 25.49 -11.16
CA GLU B 212 23.83 25.40 -9.86
C GLU B 212 23.07 24.40 -8.99
N LEU B 213 21.78 24.22 -9.28
CA LEU B 213 20.98 23.23 -8.57
C LEU B 213 21.39 21.82 -8.98
N TYR B 214 21.51 21.57 -10.28
CA TYR B 214 22.03 20.29 -10.76
C TYR B 214 23.47 20.09 -10.31
N GLN B 215 24.23 21.19 -10.26
CA GLN B 215 25.60 21.13 -9.78
C GLN B 215 25.66 20.64 -8.34
N ALA B 216 25.03 21.40 -7.43
CA ALA B 216 24.91 20.97 -6.04
C ALA B 216 24.44 19.53 -5.91
N MET B 217 23.51 19.10 -6.77
CA MET B 217 23.03 17.73 -6.70
C MET B 217 24.15 16.73 -6.98
N ASP B 218 24.92 16.98 -8.04
CA ASP B 218 25.98 16.05 -8.43
C ASP B 218 27.04 15.95 -7.34
N MET B 219 27.40 17.06 -6.72
CA MET B 219 28.34 17.03 -5.61
C MET B 219 27.80 16.19 -4.46
N ILE B 220 26.52 16.36 -4.11
CA ILE B 220 25.93 15.56 -3.03
C ILE B 220 25.93 14.09 -3.41
N PHE B 221 25.53 13.77 -4.64
CA PHE B 221 25.54 12.39 -5.11
C PHE B 221 26.92 11.75 -4.97
N GLU B 222 27.96 12.46 -5.44
CA GLU B 222 29.32 11.91 -5.33
C GLU B 222 29.73 11.75 -3.88
N ALA B 223 29.46 12.76 -3.04
CA ALA B 223 29.84 12.69 -1.63
C ALA B 223 29.23 11.48 -0.91
N THR B 224 28.10 10.97 -1.41
CA THR B 224 27.42 9.88 -0.68
C THR B 224 28.26 8.61 -0.65
N LYS B 225 29.00 8.33 -1.72
CA LYS B 225 29.82 7.12 -1.77
C LYS B 225 30.73 7.02 -0.55
N ARG B 226 31.38 8.12 -0.17
CA ARG B 226 32.20 8.11 1.04
C ARG B 226 31.36 7.94 2.30
N ILE B 227 30.21 8.62 2.38
CA ILE B 227 29.38 8.52 3.58
C ILE B 227 28.79 7.13 3.73
N SER B 228 28.42 6.51 2.62
CA SER B 228 27.95 5.12 2.66
C SER B 228 29.03 4.19 3.19
N GLN B 229 30.30 4.52 2.94
CA GLN B 229 31.40 3.73 3.46
C GLN B 229 31.47 3.82 4.98
N ILE B 230 31.41 5.04 5.51
CA ILE B 230 31.44 5.24 6.96
C ILE B 230 30.29 4.50 7.62
N GLN B 231 29.11 4.54 7.03
CA GLN B 231 27.98 3.78 7.58
C GLN B 231 28.31 2.29 7.63
N ARG B 232 28.73 1.71 6.50
CA ARG B 232 28.97 0.28 6.43
C ARG B 232 30.08 -0.15 7.38
N GLU B 233 31.13 0.66 7.49
CA GLU B 233 32.26 0.30 8.34
C GLU B 233 31.89 0.37 9.82
N ALA B 234 30.90 1.18 10.17
CA ALA B 234 30.47 1.28 11.56
C ALA B 234 29.64 0.07 11.98
N LEU B 235 29.02 -0.62 11.02
CA LEU B 235 28.25 -1.82 11.32
C LEU B 235 29.18 -2.98 11.66
N TYR B 239 25.87 -7.47 8.35
CA TYR B 239 24.57 -6.98 7.91
C TYR B 239 24.49 -6.91 6.39
N LYS B 240 23.38 -7.40 5.83
CA LYS B 240 23.17 -7.40 4.39
C LYS B 240 21.83 -6.78 4.05
N ILE B 241 21.81 -6.03 2.95
CA ILE B 241 20.59 -5.39 2.45
C ILE B 241 19.84 -6.36 1.54
N GLN B 242 18.53 -6.47 1.75
CA GLN B 242 17.67 -7.33 0.94
C GLN B 242 17.14 -6.56 -0.25
N ASP B 243 17.08 -7.22 -1.41
CA ASP B 243 16.53 -6.64 -2.63
C ASP B 243 15.26 -5.82 -2.39
N GLY B 272 -2.83 11.20 -24.29
CA GLY B 272 -1.93 12.18 -23.73
C GLY B 272 -2.63 13.16 -22.81
N LYS B 273 -3.82 12.80 -22.36
CA LYS B 273 -4.64 13.64 -21.51
C LYS B 273 -4.88 12.97 -20.17
N ARG B 274 -5.19 13.79 -19.17
CA ARG B 274 -5.45 13.34 -17.81
C ARG B 274 -6.88 12.87 -17.69
N ILE B 275 -7.35 12.62 -16.46
CA ILE B 275 -8.69 12.10 -16.27
C ILE B 275 -9.71 13.21 -16.51
N ASP B 276 -9.32 14.46 -16.30
CA ASP B 276 -10.00 15.60 -16.87
C ASP B 276 -9.29 15.97 -18.17
N GLY B 277 -9.67 17.09 -18.79
CA GLY B 277 -9.06 17.45 -20.06
C GLY B 277 -7.62 17.89 -19.95
N ARG B 278 -7.21 18.38 -18.78
CA ARG B 278 -5.88 18.92 -18.51
C ARG B 278 -4.74 18.10 -19.12
N LEU B 279 -3.80 18.82 -19.71
CA LEU B 279 -2.54 18.26 -20.18
C LEU B 279 -1.54 18.24 -19.01
N PRO B 280 -0.44 17.50 -19.14
CA PRO B 280 0.48 17.33 -17.99
C PRO B 280 1.05 18.62 -17.43
N ASP B 281 1.06 19.70 -18.20
CA ASP B 281 1.62 20.98 -17.78
C ASP B 281 0.54 21.98 -17.39
N GLU B 282 -0.70 21.55 -17.35
CA GLU B 282 -1.86 22.44 -17.26
C GLU B 282 -2.34 22.54 -15.82
N PHE B 283 -2.63 23.77 -15.40
CA PHE B 283 -3.24 24.04 -14.11
C PHE B 283 -4.75 24.05 -14.26
N ARG B 284 -5.44 24.01 -13.13
CA ARG B 284 -6.89 24.11 -13.19
C ARG B 284 -7.30 25.58 -13.24
N GLU B 285 -8.58 25.82 -13.46
CA GLU B 285 -9.06 27.19 -13.49
C GLU B 285 -8.80 27.86 -12.15
N LEU B 286 -8.36 29.12 -12.21
CA LEU B 286 -8.09 29.87 -11.00
C LEU B 286 -8.98 31.09 -10.99
N THR B 287 -9.35 31.51 -9.78
CA THR B 287 -10.07 32.76 -9.57
C THR B 287 -9.49 33.41 -8.34
N ILE B 288 -8.93 34.60 -8.50
CA ILE B 288 -8.27 35.33 -7.43
C ILE B 288 -9.11 36.57 -7.16
N ILE B 289 -9.38 36.84 -5.89
CA ILE B 289 -10.20 37.98 -5.50
C ILE B 289 -9.43 38.70 -4.40
N GLU B 290 -8.69 39.74 -4.78
CA GLU B 290 -7.97 40.55 -3.83
C GLU B 290 -8.94 41.46 -3.08
N ASN B 291 -8.57 41.81 -1.84
CA ASN B 291 -9.41 42.59 -0.94
C ASN B 291 -10.68 41.85 -0.56
N TYR B 292 -10.58 40.53 -0.43
CA TYR B 292 -11.71 39.72 0.03
C TYR B 292 -12.07 40.04 1.47
N ILE B 293 -11.07 40.30 2.30
CA ILE B 293 -11.28 40.71 3.69
C ILE B 293 -10.81 42.15 3.84
N PRO B 294 -11.65 43.13 3.51
CA PRO B 294 -11.21 44.54 3.61
C PRO B 294 -10.74 44.95 5.00
N ARG B 295 -11.16 44.26 6.06
CA ARG B 295 -10.77 44.64 7.41
C ARG B 295 -9.33 44.27 7.72
N ALA B 296 -8.70 43.44 6.90
CA ALA B 296 -7.28 43.16 6.98
C ALA B 296 -6.50 44.17 6.14
N ASN B 297 -5.18 44.14 6.27
CA ASN B 297 -4.33 45.03 5.52
C ASN B 297 -4.12 44.56 4.08
N GLY B 298 -4.35 43.27 3.82
CA GLY B 298 -4.27 42.69 2.50
C GLY B 298 -4.91 41.32 2.52
N SER B 299 -5.45 40.85 1.40
CA SER B 299 -6.12 39.56 1.41
C SER B 299 -6.42 39.15 -0.02
N ALA B 300 -6.82 37.89 -0.16
CA ALA B 300 -7.20 37.32 -1.44
C ALA B 300 -7.94 36.01 -1.20
N TYR B 301 -9.05 35.82 -1.89
CA TYR B 301 -9.69 34.53 -1.97
C TYR B 301 -9.21 33.86 -3.24
N VAL B 302 -8.82 32.59 -3.13
CA VAL B 302 -8.36 31.83 -4.28
C VAL B 302 -9.15 30.53 -4.37
N ALA B 303 -9.67 30.24 -5.57
CA ALA B 303 -10.19 28.93 -5.90
C ALA B 303 -9.32 28.35 -7.00
N LEU B 304 -8.65 27.25 -6.71
CA LEU B 304 -7.85 26.51 -7.69
C LEU B 304 -8.63 25.25 -8.00
N GLY B 305 -9.41 25.28 -9.08
CA GLY B 305 -10.45 24.27 -9.23
C GLY B 305 -11.38 24.34 -8.04
N ASN B 306 -11.56 23.20 -7.37
CA ASN B 306 -12.41 23.14 -6.20
C ASN B 306 -11.61 23.17 -4.90
N THR B 307 -10.32 23.49 -4.97
CA THR B 307 -9.54 23.80 -3.79
C THR B 307 -9.66 25.29 -3.53
N ARG B 308 -10.21 25.64 -2.37
CA ARG B 308 -10.55 27.02 -2.06
C ARG B 308 -9.88 27.42 -0.75
N VAL B 309 -9.15 28.52 -0.78
CA VAL B 309 -8.52 29.08 0.41
C VAL B 309 -8.72 30.59 0.37
N VAL B 310 -8.41 31.23 1.49
CA VAL B 310 -8.37 32.69 1.58
C VAL B 310 -7.20 33.07 2.47
N ALA B 311 -6.35 33.97 1.98
CA ALA B 311 -5.22 34.46 2.76
C ALA B 311 -5.53 35.85 3.31
N GLY B 312 -5.15 36.08 4.55
CA GLY B 312 -5.27 37.39 5.14
C GLY B 312 -3.94 37.87 5.69
N VAL B 313 -3.62 39.13 5.40
CA VAL B 313 -2.38 39.74 5.86
C VAL B 313 -2.74 40.79 6.89
N LYS B 314 -2.25 40.61 8.12
CA LYS B 314 -2.37 41.60 9.18
C LYS B 314 -0.97 42.12 9.50
N ILE B 315 -0.81 43.44 9.47
CA ILE B 315 0.48 44.09 9.71
C ILE B 315 0.37 44.87 11.01
N GLU B 316 1.14 44.47 12.02
CA GLU B 316 1.17 45.14 13.31
C GLU B 316 2.58 45.57 13.66
N ALA B 317 2.67 46.69 14.39
CA ALA B 317 3.95 47.12 14.94
C ALA B 317 4.36 46.22 16.11
N GLY B 318 5.63 45.83 16.12
CA GLY B 318 6.14 45.10 17.27
C GLY B 318 7.65 45.18 17.35
N GLU B 319 8.17 44.59 18.42
CA GLU B 319 9.61 44.57 18.64
C GLU B 319 10.28 43.59 17.67
N PRO B 320 11.41 43.95 17.08
CA PRO B 320 12.08 43.04 16.14
C PRO B 320 12.79 41.91 16.87
N PHE B 321 13.48 41.07 16.11
CA PHE B 321 14.35 40.13 16.80
C PHE B 321 15.63 40.85 17.20
N PRO B 322 16.14 40.60 18.42
CA PRO B 322 17.43 41.19 18.78
C PRO B 322 18.54 40.78 17.83
N ASP B 323 18.54 39.53 17.38
CA ASP B 323 19.50 39.08 16.38
C ASP B 323 19.45 39.96 15.13
N THR B 324 18.25 40.18 14.57
CA THR B 324 18.07 40.95 13.35
C THR B 324 17.15 42.13 13.64
N PRO B 325 17.67 43.20 14.24
CA PRO B 325 16.85 44.39 14.48
C PRO B 325 16.75 45.32 13.29
N ASP B 326 17.51 45.08 12.22
CA ASP B 326 17.45 45.90 11.02
C ASP B 326 16.23 45.62 10.14
N GLN B 327 15.45 44.57 10.43
CA GLN B 327 14.37 44.13 9.55
C GLN B 327 13.12 43.87 10.38
N GLY B 328 12.00 43.69 9.66
CA GLY B 328 10.77 43.25 10.26
C GLY B 328 10.66 41.73 10.23
N VAL B 329 9.47 41.24 10.54
CA VAL B 329 9.24 39.80 10.69
C VAL B 329 8.10 39.37 9.78
N LEU B 330 8.24 38.18 9.20
CA LEU B 330 7.16 37.51 8.46
C LEU B 330 6.78 36.23 9.20
N THR B 331 5.51 36.09 9.53
CA THR B 331 4.98 34.88 10.15
C THR B 331 3.90 34.28 9.26
N THR B 332 4.05 33.00 8.93
CA THR B 332 3.13 32.30 8.04
C THR B 332 2.41 31.20 8.80
N ASN B 333 1.11 31.07 8.57
CA ASN B 333 0.32 29.98 9.16
C ASN B 333 -0.78 29.58 8.19
N VAL B 334 -0.91 28.27 7.99
CA VAL B 334 -1.94 27.69 7.12
C VAL B 334 -2.78 26.75 7.98
N GLU B 335 -4.06 27.09 8.13
CA GLU B 335 -5.00 26.28 8.91
C GLU B 335 -5.72 25.33 7.98
N LEU B 336 -5.63 24.03 8.25
CA LEU B 336 -6.38 23.04 7.49
C LEU B 336 -7.69 22.79 8.24
N LEU B 337 -8.66 23.66 7.96
CA LEU B 337 -9.91 23.68 8.69
C LEU B 337 -10.67 22.37 8.48
N PRO B 338 -11.39 21.90 9.51
CA PRO B 338 -12.18 20.68 9.36
C PRO B 338 -13.33 20.83 8.37
N ILE B 339 -13.67 22.05 7.98
CA ILE B 339 -14.71 22.31 7.00
C ILE B 339 -14.26 21.90 5.60
N ALA B 340 -12.95 21.75 5.38
CA ALA B 340 -12.40 21.53 4.05
C ALA B 340 -12.46 20.08 3.59
N PHE B 341 -12.55 19.12 4.51
CA PHE B 341 -12.49 17.71 4.09
C PHE B 341 -13.15 16.86 5.15
N PRO B 342 -13.88 15.80 4.76
CA PRO B 342 -14.62 15.00 5.76
C PRO B 342 -13.77 14.45 6.90
N SER B 343 -12.53 14.04 6.63
CA SER B 343 -11.68 13.43 7.66
C SER B 343 -11.01 14.51 8.50
N PHE B 344 -11.82 15.17 9.32
CA PHE B 344 -11.45 16.29 10.20
C PHE B 344 -10.04 16.85 10.04
N PRO B 349 -5.23 16.90 9.30
CA PRO B 349 -4.03 16.39 9.99
C PRO B 349 -3.02 17.48 10.29
N ASN B 350 -2.44 17.44 11.49
CA ASN B 350 -1.56 18.51 11.95
C ASN B 350 -0.22 18.49 11.23
N ASP B 351 0.31 17.31 10.90
CA ASP B 351 1.59 17.22 10.23
C ASP B 351 1.53 17.88 8.86
N LEU B 352 0.50 17.59 8.08
CA LEU B 352 0.33 18.21 6.76
C LEU B 352 0.26 19.73 6.88
N ALA B 353 -0.49 20.24 7.87
CA ALA B 353 -0.71 21.68 7.96
C ALA B 353 0.57 22.42 8.33
N ILE B 354 1.38 21.83 9.22
CA ILE B 354 2.69 22.43 9.52
C ILE B 354 3.55 22.45 8.27
N GLU B 355 3.55 21.37 7.50
CA GLU B 355 4.38 21.28 6.31
C GLU B 355 4.00 22.34 5.28
N VAL B 356 2.73 22.36 4.88
CA VAL B 356 2.23 23.38 3.96
C VAL B 356 2.67 24.77 4.39
N SER B 357 2.50 25.10 5.67
CA SER B 357 2.82 26.45 6.14
C SER B 357 4.31 26.75 5.97
N ARG B 358 5.18 25.77 6.23
CA ARG B 358 6.62 26.02 6.13
C ARG B 358 7.07 26.08 4.68
N VAL B 359 6.55 25.20 3.82
CA VAL B 359 6.85 25.27 2.39
C VAL B 359 6.40 26.61 1.82
N VAL B 360 5.17 27.01 2.12
CA VAL B 360 4.66 28.30 1.66
C VAL B 360 5.54 29.44 2.17
N ASP B 361 5.84 29.43 3.48
CA ASP B 361 6.66 30.49 4.06
C ASP B 361 8.03 30.56 3.40
N ARG B 362 8.64 29.41 3.12
CA ARG B 362 9.96 29.40 2.51
C ARG B 362 9.94 30.08 1.15
N GLY B 363 8.94 29.77 0.33
CA GLY B 363 8.81 30.44 -0.97
C GLY B 363 8.78 31.95 -0.85
N ILE B 364 7.87 32.46 -0.01
CA ILE B 364 7.77 33.90 0.22
C ILE B 364 9.10 34.45 0.74
N ARG B 365 9.56 33.90 1.86
CA ARG B 365 10.79 34.36 2.49
C ARG B 365 11.98 34.34 1.53
N GLU B 366 12.26 33.17 0.95
CA GLU B 366 13.50 33.00 0.18
C GLU B 366 13.43 33.68 -1.18
N SER B 367 12.25 34.07 -1.65
CA SER B 367 12.16 34.88 -2.86
C SER B 367 12.37 36.36 -2.58
N LYS B 368 12.50 36.74 -1.30
CA LYS B 368 12.78 38.10 -0.86
C LYS B 368 11.73 39.10 -1.36
N MET B 369 10.55 38.58 -1.71
CA MET B 369 9.43 39.42 -2.15
C MET B 369 9.17 40.57 -1.18
N ILE B 370 9.20 40.30 0.12
CA ILE B 370 8.79 41.30 1.11
C ILE B 370 9.77 42.46 1.18
N SER B 371 11.08 42.18 1.19
CA SER B 371 12.13 43.15 1.46
C SER B 371 12.00 43.74 2.86
N PRO B 372 12.08 42.90 3.90
CA PRO B 372 11.89 43.40 5.28
C PRO B 372 12.86 44.50 5.70
N GLU B 373 13.87 44.83 4.89
CA GLU B 373 14.78 45.91 5.23
C GLU B 373 14.04 47.23 5.40
N LYS B 374 12.94 47.42 4.67
CA LYS B 374 12.21 48.67 4.65
C LYS B 374 11.08 48.73 5.67
N LEU B 375 10.72 47.61 6.31
CA LEU B 375 9.62 47.57 7.25
C LEU B 375 10.05 47.96 8.66
N VAL B 376 11.19 48.63 8.80
CA VAL B 376 11.68 49.06 10.11
C VAL B 376 11.03 50.39 10.47
N ILE B 377 10.25 50.38 11.56
CA ILE B 377 9.73 51.62 12.11
C ILE B 377 10.86 52.41 12.79
N GLU B 378 11.52 51.80 13.78
CA GLU B 378 12.49 52.48 14.63
C GLU B 378 13.52 51.43 15.02
N GLN B 379 14.67 51.48 14.34
CA GLN B 379 15.69 50.42 14.39
C GLN B 379 15.89 49.86 15.78
N GLY B 380 15.83 48.53 15.88
CA GLY B 380 16.03 47.81 17.11
C GLY B 380 14.95 47.95 18.16
N LYS B 381 13.98 48.83 17.96
CA LYS B 381 12.91 49.05 18.93
C LYS B 381 11.54 48.61 18.44
N LYS B 382 11.20 48.96 17.19
CA LYS B 382 9.86 48.72 16.67
C LYS B 382 9.96 48.53 15.16
N VAL B 383 9.36 47.45 14.65
CA VAL B 383 9.30 47.17 13.23
C VAL B 383 7.91 46.64 12.90
N TRP B 384 7.68 46.35 11.62
CA TRP B 384 6.40 45.85 11.15
C TRP B 384 6.41 44.32 11.16
N ILE B 385 5.50 43.72 11.92
CA ILE B 385 5.26 42.28 11.86
C ILE B 385 4.22 42.00 10.78
N VAL B 386 4.56 41.17 9.81
CA VAL B 386 3.65 40.78 8.73
C VAL B 386 3.10 39.39 9.06
N PHE B 387 1.88 39.34 9.59
CA PHE B 387 1.20 38.06 9.80
C PHE B 387 0.54 37.61 8.51
N LEU B 388 0.94 36.45 8.00
CA LEU B 388 0.28 35.84 6.86
C LEU B 388 -0.48 34.61 7.35
N ASP B 389 -1.79 34.63 7.19
CA ASP B 389 -2.67 33.56 7.65
C ASP B 389 -3.55 33.08 6.52
N ILE B 390 -3.45 31.79 6.19
CA ILE B 390 -4.23 31.21 5.10
C ILE B 390 -5.15 30.15 5.68
N ASN B 391 -6.45 30.31 5.45
CA ASN B 391 -7.48 29.37 5.89
C ASN B 391 -7.97 28.56 4.69
N VAL B 392 -7.91 27.23 4.80
CA VAL B 392 -8.38 26.36 3.73
C VAL B 392 -9.85 26.04 3.97
N LEU B 393 -10.71 26.40 3.02
CA LEU B 393 -12.15 26.16 3.11
C LEU B 393 -12.62 24.88 2.43
N ASP B 394 -11.88 24.39 1.43
CA ASP B 394 -12.35 23.31 0.57
C ASP B 394 -11.12 22.64 -0.02
N TYR B 395 -10.96 21.34 0.23
CA TYR B 395 -9.77 20.62 -0.20
C TYR B 395 -10.11 19.74 -1.41
N ASP B 396 -9.43 19.98 -2.52
CA ASP B 396 -9.48 19.09 -3.68
C ASP B 396 -8.11 18.88 -4.28
N GLY B 397 -7.05 18.92 -3.48
CA GLY B 397 -5.75 18.73 -4.11
C GLY B 397 -4.93 20.00 -4.21
N ASN B 398 -3.62 19.85 -3.99
CA ASN B 398 -2.65 20.94 -4.17
C ASN B 398 -2.93 22.14 -3.27
N LEU B 399 -2.92 21.88 -1.96
CA LEU B 399 -2.98 22.95 -0.98
C LEU B 399 -1.80 23.90 -1.10
N ILE B 400 -0.65 23.41 -1.57
CA ILE B 400 0.59 24.19 -1.50
C ILE B 400 0.57 25.30 -2.54
N ASP B 401 0.16 24.98 -3.76
CA ASP B 401 0.16 25.99 -4.83
C ASP B 401 -0.96 27.00 -4.62
N ALA B 402 -2.18 26.52 -4.37
CA ALA B 402 -3.29 27.41 -4.05
C ALA B 402 -2.94 28.36 -2.90
N SER B 403 -2.22 27.86 -1.90
CA SER B 403 -1.85 28.71 -0.78
C SER B 403 -0.83 29.76 -1.21
N THR B 404 0.16 29.38 -2.02
CA THR B 404 1.15 30.33 -2.49
C THR B 404 0.51 31.42 -3.34
N ILE B 405 -0.32 31.02 -4.32
CA ILE B 405 -1.10 31.99 -5.10
C ILE B 405 -1.83 32.96 -4.18
N ALA B 406 -2.55 32.43 -3.19
CA ALA B 406 -3.27 33.27 -2.24
C ALA B 406 -2.33 34.19 -1.49
N ALA B 407 -1.16 33.68 -1.09
CA ALA B 407 -0.22 34.48 -0.30
C ALA B 407 0.33 35.64 -1.11
N VAL B 408 0.76 35.37 -2.35
CA VAL B 408 1.34 36.42 -3.19
C VAL B 408 0.30 37.50 -3.48
N ALA B 409 -0.89 37.08 -3.94
CA ALA B 409 -1.95 38.03 -4.23
C ALA B 409 -2.27 38.88 -3.00
N ALA B 410 -2.38 38.25 -1.83
CA ALA B 410 -2.68 39.00 -0.61
C ALA B 410 -1.58 39.99 -0.28
N LEU B 411 -0.32 39.66 -0.58
CA LEU B 411 0.77 40.58 -0.29
C LEU B 411 0.88 41.69 -1.34
N ARG B 412 0.59 41.36 -2.61
CA ARG B 412 0.46 42.39 -3.63
C ARG B 412 -0.63 43.39 -3.29
N ASN B 413 -1.65 42.95 -2.56
CA ASN B 413 -2.79 43.77 -2.18
C ASN B 413 -2.58 44.47 -0.84
N ALA B 414 -1.51 44.13 -0.12
CA ALA B 414 -1.39 44.61 1.25
C ALA B 414 -0.96 46.07 1.27
N VAL B 415 -1.26 46.71 2.40
CA VAL B 415 -0.94 48.10 2.67
C VAL B 415 -0.55 48.18 4.13
N VAL B 416 0.66 48.64 4.42
CA VAL B 416 1.09 48.70 5.81
C VAL B 416 0.50 49.95 6.44
N PRO B 417 -0.17 49.83 7.58
CA PRO B 417 -0.88 50.98 8.15
C PRO B 417 0.07 51.93 8.87
N ALA B 418 0.84 52.67 8.08
CA ALA B 418 1.86 53.52 8.66
C ALA B 418 1.28 54.80 9.26
N SER B 419 0.08 55.19 8.88
CA SER B 419 -0.57 56.28 9.61
C SER B 419 -1.36 55.75 10.80
N LYS B 420 -0.66 55.00 11.64
CA LYS B 420 -0.95 54.88 13.07
C LYS B 420 0.31 54.97 13.89
N GLU B 421 1.48 55.11 13.24
CA GLU B 421 2.78 55.13 13.90
C GLU B 421 3.60 56.34 13.46
N GLY B 422 2.93 57.47 13.20
CA GLY B 422 3.63 58.66 12.77
C GLY B 422 4.06 58.64 11.32
N GLY B 423 3.15 58.25 10.43
CA GLY B 423 3.48 58.14 9.03
C GLY B 423 2.27 58.19 8.14
N GLU B 424 2.43 57.64 6.94
CA GLU B 424 1.37 57.62 5.93
C GLU B 424 1.27 56.20 5.35
N ASP B 425 0.06 55.67 5.30
CA ASP B 425 -0.18 54.34 4.73
C ASP B 425 0.49 54.20 3.36
N PHE B 426 1.26 53.13 3.19
CA PHE B 426 1.90 52.87 1.91
C PHE B 426 1.74 51.40 1.55
N LYS B 427 1.79 51.12 0.25
CA LYS B 427 1.71 49.77 -0.25
C LYS B 427 2.92 48.95 0.20
N LEU B 428 2.67 47.72 0.61
CA LEU B 428 3.73 46.86 1.12
C LEU B 428 4.73 46.56 0.00
N PRO B 429 5.99 46.94 0.15
CA PRO B 429 6.96 46.76 -0.95
C PRO B 429 7.05 45.31 -1.39
N VAL B 430 7.04 45.11 -2.70
CA VAL B 430 6.95 43.79 -3.32
C VAL B 430 7.95 43.75 -4.46
N SER B 431 8.94 42.86 -4.35
CA SER B 431 10.09 42.84 -5.24
C SER B 431 10.09 41.68 -6.22
N SER B 432 9.36 40.61 -5.91
CA SER B 432 9.29 39.43 -6.76
C SER B 432 7.91 38.82 -6.59
N THR B 433 7.54 37.95 -7.53
CA THR B 433 6.30 37.19 -7.44
C THR B 433 6.68 35.72 -7.48
N PRO B 434 6.88 35.09 -6.34
CA PRO B 434 7.13 33.65 -6.29
C PRO B 434 5.91 32.87 -6.76
N ILE B 435 6.16 31.84 -7.56
CA ILE B 435 5.13 30.88 -7.97
C ILE B 435 5.62 29.50 -7.58
N SER B 436 4.82 28.77 -6.82
CA SER B 436 5.13 27.40 -6.45
C SER B 436 4.36 26.45 -7.35
N VAL B 437 5.04 25.41 -7.82
CA VAL B 437 4.44 24.41 -8.69
C VAL B 437 4.70 23.04 -8.08
N THR B 438 3.63 22.33 -7.74
CA THR B 438 3.72 21.00 -7.15
C THR B 438 3.41 19.95 -8.21
N MET B 439 4.27 18.96 -8.35
CA MET B 439 4.11 17.94 -9.37
C MET B 439 4.13 16.54 -8.74
N VAL B 440 3.45 15.61 -9.42
CA VAL B 440 3.43 14.20 -9.06
C VAL B 440 3.62 13.37 -10.32
N LYS B 441 3.90 12.08 -10.13
CA LYS B 441 4.08 11.14 -11.22
C LYS B 441 2.81 10.31 -11.40
N ILE B 442 2.27 10.31 -12.62
CA ILE B 442 1.14 9.45 -12.98
C ILE B 442 1.68 8.46 -13.99
N GLY B 443 1.87 7.21 -13.55
CA GLY B 443 2.62 6.27 -14.35
C GLY B 443 4.02 6.78 -14.62
N ASP B 444 4.33 7.08 -15.88
CA ASP B 444 5.65 7.56 -16.26
C ASP B 444 5.65 8.99 -16.78
N THR B 445 4.56 9.73 -16.59
CA THR B 445 4.50 11.13 -16.98
C THR B 445 4.34 12.01 -15.74
N LEU B 446 5.07 13.12 -15.73
CA LEU B 446 5.05 14.08 -14.63
C LEU B 446 3.98 15.14 -14.90
N VAL B 447 3.04 15.30 -13.97
CA VAL B 447 1.99 16.29 -14.10
C VAL B 447 2.02 17.23 -12.91
N CYS B 448 1.62 18.48 -13.17
CA CYS B 448 1.60 19.55 -12.19
C CYS B 448 0.16 19.89 -11.78
N ASP B 449 0.04 20.63 -10.67
CA ASP B 449 -1.23 20.93 -10.01
C ASP B 449 -2.10 19.69 -9.91
N PRO B 450 -1.72 18.72 -9.07
CA PRO B 450 -2.50 17.50 -8.99
C PRO B 450 -3.80 17.72 -8.22
N SER B 451 -4.88 17.13 -8.73
CA SER B 451 -6.11 17.03 -7.97
C SER B 451 -5.90 16.10 -6.78
N LEU B 452 -6.90 16.03 -5.91
CA LEU B 452 -6.83 15.10 -4.80
C LEU B 452 -6.82 13.67 -5.33
N GLU B 453 -7.66 13.36 -6.31
CA GLU B 453 -7.64 12.07 -6.96
C GLU B 453 -6.24 11.70 -7.44
N GLU B 454 -5.60 12.59 -8.19
CA GLU B 454 -4.24 12.33 -8.67
C GLU B 454 -3.26 12.16 -7.52
N ASP B 455 -3.35 13.02 -6.50
CA ASP B 455 -2.37 13.00 -5.42
C ASP B 455 -2.32 11.65 -4.70
N GLN B 456 -3.48 11.01 -4.53
CA GLN B 456 -3.54 9.76 -3.81
C GLN B 456 -3.16 8.56 -4.69
N ILE B 457 -3.33 8.68 -6.00
CA ILE B 457 -3.00 7.58 -6.91
C ILE B 457 -1.53 7.19 -6.83
N CYS B 458 -0.68 8.07 -6.31
CA CYS B 458 0.75 7.82 -6.24
C CYS B 458 1.27 8.23 -4.87
N GLY B 459 2.46 7.73 -4.54
CA GLY B 459 3.18 8.30 -3.42
C GLY B 459 4.41 9.04 -3.91
N GLY B 460 4.44 10.34 -3.65
CA GLY B 460 5.58 11.17 -3.94
C GLY B 460 5.11 12.48 -4.55
N ARG B 461 5.55 13.60 -4.02
CA ARG B 461 5.27 14.89 -4.60
C ARG B 461 6.50 15.78 -4.47
N ILE B 462 6.72 16.62 -5.47
CA ILE B 462 7.81 17.59 -5.46
C ILE B 462 7.23 18.96 -5.74
N THR B 463 7.57 19.93 -4.89
CA THR B 463 7.20 21.31 -5.09
C THR B 463 8.45 22.09 -5.46
N VAL B 464 8.36 22.87 -6.52
CA VAL B 464 9.44 23.75 -6.97
C VAL B 464 8.89 25.16 -7.07
N THR B 465 9.50 26.09 -6.33
CA THR B 465 9.04 27.48 -6.32
C THR B 465 10.08 28.34 -7.00
N THR B 466 9.67 29.01 -8.07
CA THR B 466 10.53 29.89 -8.85
C THR B 466 10.08 31.34 -8.76
N THR B 467 10.92 32.21 -9.30
CA THR B 467 10.65 33.64 -9.43
C THR B 467 10.86 34.04 -10.87
N GLU B 468 10.53 35.29 -11.19
CA GLU B 468 10.48 35.73 -12.58
C GLU B 468 11.85 35.69 -13.24
N ASP B 469 12.91 35.85 -12.45
CA ASP B 469 14.27 35.84 -12.99
C ASP B 469 14.75 34.44 -13.35
N GLY B 470 13.87 33.44 -13.30
CA GLY B 470 14.25 32.07 -13.59
C GLY B 470 15.03 31.37 -12.51
N HIS B 471 15.20 31.98 -11.34
CA HIS B 471 15.89 31.33 -10.24
C HIS B 471 14.90 30.49 -9.44
N ILE B 472 15.42 29.42 -8.84
CA ILE B 472 14.64 28.61 -7.92
C ILE B 472 14.86 29.16 -6.51
N ARG B 473 13.78 29.25 -5.75
CA ARG B 473 13.84 29.81 -4.40
C ARG B 473 13.55 28.79 -3.31
N ALA B 474 12.90 27.69 -3.64
CA ALA B 474 12.54 26.68 -2.66
C ALA B 474 12.14 25.39 -3.39
N MET B 475 12.43 24.26 -2.76
CA MET B 475 11.90 22.98 -3.20
C MET B 475 11.57 22.14 -1.98
N GLN B 476 10.70 21.17 -2.18
CA GLN B 476 10.24 20.31 -1.09
C GLN B 476 9.74 19.01 -1.69
N LYS B 477 10.42 17.91 -1.44
CA LYS B 477 9.89 16.60 -1.76
C LYS B 477 9.04 16.14 -0.58
N GLY B 478 7.92 15.50 -0.89
CA GLY B 478 6.95 15.16 0.14
C GLY B 478 6.32 13.81 -0.14
N GLU B 479 5.73 13.25 0.93
CA GLU B 479 5.02 11.98 0.94
C GLU B 479 6.02 10.82 0.91
N ILE B 480 5.52 9.61 1.08
CA ILE B 480 6.35 8.41 0.95
C ILE B 480 6.49 8.08 -0.53
N GLY B 481 7.73 8.05 -1.01
CA GLY B 481 8.00 7.75 -2.40
C GLY B 481 9.37 8.29 -2.77
N ALA B 482 9.87 7.81 -3.91
CA ALA B 482 11.15 8.24 -4.42
C ALA B 482 11.00 8.86 -5.80
N PHE B 483 11.82 9.85 -6.08
CA PHE B 483 11.98 10.41 -7.41
C PHE B 483 13.38 10.12 -7.94
N THR B 484 13.48 9.94 -9.25
CA THR B 484 14.77 9.84 -9.88
C THR B 484 15.34 11.24 -10.12
N VAL B 485 16.65 11.29 -10.32
CA VAL B 485 17.30 12.55 -10.71
C VAL B 485 16.67 13.09 -11.98
N GLU B 486 16.23 12.20 -12.86
CA GLU B 486 15.57 12.61 -14.10
C GLU B 486 14.24 13.30 -13.79
N ASP B 487 13.37 12.61 -13.06
CA ASP B 487 12.15 13.23 -12.51
C ASP B 487 12.39 14.63 -11.97
N VAL B 488 13.42 14.79 -11.13
CA VAL B 488 13.66 16.07 -10.46
C VAL B 488 14.09 17.13 -11.46
N LYS B 489 14.91 16.77 -12.44
CA LYS B 489 15.29 17.70 -13.50
C LYS B 489 14.07 18.09 -14.33
N LYS B 490 13.21 17.12 -14.63
CA LYS B 490 11.96 17.42 -15.31
C LYS B 490 11.11 18.37 -14.48
N ALA B 491 10.92 18.04 -13.21
CA ALA B 491 10.08 18.86 -12.33
C ALA B 491 10.58 20.30 -12.27
N VAL B 492 11.89 20.50 -12.15
CA VAL B 492 12.43 21.86 -12.09
C VAL B 492 12.14 22.61 -13.38
N LYS B 493 12.27 21.92 -14.51
CA LYS B 493 11.99 22.55 -15.81
C LYS B 493 10.51 22.90 -15.93
N MET B 494 9.64 21.93 -15.66
CA MET B 494 8.19 22.19 -15.75
C MET B 494 7.75 23.30 -14.81
N SER B 495 8.39 23.44 -13.64
CA SER B 495 8.01 24.50 -12.72
C SER B 495 8.45 25.87 -13.25
N LEU B 496 9.67 25.95 -13.79
CA LEU B 496 10.13 27.17 -14.44
C LEU B 496 9.17 27.59 -15.54
N GLU B 497 8.82 26.64 -16.42
CA GLU B 497 7.94 26.97 -17.54
C GLU B 497 6.56 27.42 -17.08
N VAL B 498 5.84 26.58 -16.34
CA VAL B 498 4.47 26.93 -15.99
C VAL B 498 4.39 28.07 -14.97
N GLY B 499 5.44 28.29 -14.19
CA GLY B 499 5.46 29.48 -13.34
C GLY B 499 5.46 30.76 -14.15
N LYS B 500 6.19 30.77 -15.27
CA LYS B 500 6.13 31.88 -16.22
C LYS B 500 4.71 32.12 -16.68
N LYS B 501 4.08 31.09 -17.28
CA LYS B 501 2.72 31.19 -17.79
C LYS B 501 1.76 31.72 -16.74
N LEU B 502 1.92 31.26 -15.49
CA LEU B 502 1.00 31.68 -14.42
C LEU B 502 1.24 33.14 -14.05
N ARG B 503 2.50 33.57 -13.99
CA ARG B 503 2.81 34.96 -13.71
C ARG B 503 2.22 35.88 -14.77
N GLU B 504 2.33 35.51 -16.04
CA GLU B 504 1.81 36.34 -17.12
C GLU B 504 0.29 36.39 -17.12
N LYS B 505 -0.39 35.30 -16.75
CA LYS B 505 -1.84 35.24 -16.85
C LYS B 505 -2.54 35.84 -15.63
N TYR B 506 -1.90 35.82 -14.46
CA TYR B 506 -2.57 36.24 -13.24
C TYR B 506 -1.83 37.31 -12.45
N PHE B 507 -0.54 37.58 -12.70
CA PHE B 507 0.21 38.62 -11.92
C PHE B 507 1.05 39.50 -12.86
P PO4 C . -21.15 -20.97 -5.38
O1 PO4 C . -22.56 -20.88 -4.86
O2 PO4 C . -20.64 -19.58 -5.73
O3 PO4 C . -20.27 -21.57 -4.31
O4 PO4 C . -21.10 -21.83 -6.62
P PO4 D . -14.62 -22.99 -2.02
O1 PO4 D . -16.01 -22.89 -1.43
O2 PO4 D . -14.18 -21.61 -2.49
O3 PO4 D . -13.68 -23.52 -0.97
O4 PO4 D . -14.62 -23.92 -3.19
P PO4 E . 13.81 -29.35 10.87
O1 PO4 E . 13.30 -28.11 10.18
O2 PO4 E . 12.64 -30.07 11.50
O3 PO4 E . 14.81 -28.95 11.94
O4 PO4 E . 14.49 -30.26 9.87
P PO4 F . 19.16 21.54 9.64
O1 PO4 F . 17.74 21.87 10.04
O2 PO4 F . 19.56 22.39 8.47
O3 PO4 F . 20.08 21.81 10.81
O4 PO4 F . 19.26 20.08 9.27
#